data_7FAS
#
_entry.id   7FAS
#
_cell.length_a   1.00
_cell.length_b   1.00
_cell.length_c   1.00
_cell.angle_alpha   90.00
_cell.angle_beta   90.00
_cell.angle_gamma   90.00
#
_symmetry.space_group_name_H-M   'P 1'
#
_entity_poly.entity_id   1
_entity_poly.type   'polypeptide(L)'
_entity_poly.pdbx_seq_one_letter_code
;MDKSSIANKIEAYLGAKSDDSKIDQSLKADPSEVQYYGSGGDGYYLRKNICKITVNHSDSGTNDPCDRIPPPYGDNDQWK
CAIILSKVSEKPENVFVPPRRQRMCINNLEKLNVDKIRDKHAFLADVLLTARNEGERIVQNHPDTNSSNVCNALERSFAD
IADIIRGTDLWKGTNSNLEQNLKQMFAKIRENDKVLQDKYPKDQNYRKLREDWWNANRQKVWEVITCGARSNDLLIKRGW
RTSGKSNGDNKLELCRKCGHYEEKVPTKLDYVPQFLRWLTEWIEDFYREKQNLIDDMERHREECTSEDHKSKEGTSYCST
CKDKCKKYCECVKKWKSEWENQKNKYTELYQQNKNETSQKNTSRYDDYVKDFFKKLEANYSSLENYIKGDPYFAEYATKL
SFILNSSDANNPSEKIQKNNDEVCNCNESGIASVEQEQISDPSSNKTCITHSSIKANKKKVCKHVKLGVRENDKDLRVCV
IEHTSLSGVENCCCQDFLRILQENCSDNKSGSSSNGSCNNKNQEACEKNLEKVLASLTNCYKCDKCKSEQSKKNNKNWIW
KKSSGKEGGLQKEYANTIGLPPRTQSLCLVVCLDEKGKKTQELKNIRTNSELLKEWIIAAFHEGKNLKPSHEKKNDDNGK
KLCKALEYSFADYGDLIKGTSIWDNEYTKDLELNLQKIFGKLFRKYIKKNNTAEQDTSYSSLDELRESWWNTNKKYIWLA
MKHGAGMNSTTCCGDGSVTGSGSSCDDIPTIDLIPQYLRFLQEWVEHFCKQRQEKVKPVIENCKSCKESGGTCNGECKTE
CKNKCEVYKKFIEDCKGGDGTAGSSWVKRWDQIYKRYSKYIEDAKRNRKAGTKNCGPSSTTNAAENKCVQSDIDSFFKHL
IDIGLTTPSSYLSIVLDDNICGADKAPWTTYTTYTTTEKCNKETDKSKLQQCNTAVVVNVPSPLGNTPHGYKYACQCKIP
TNEETCDDRKEYMNQWSCGSARTMKRGYKNDNYELCKYNGVDVKPTTVRSNSSKLDDKDVTFFNLFEQWNKEIQYQIEQY
MTNTKISCNNEKNVLSRVSDEAAQPKFSDNERDRNSITHEDKNCKEKCKCYSLWIEKINDQWDKQKDNYNKFQRKQIYDA
NKGSQNKKVVSLSNFLFFSCWEEYIQKYFNGDWSKIKNIGSDTFEFLIKKCGNDSGDGETIFSEKLNNAEKKCKENESTN
NKMKSSETSCDCSEPIYIRGCQPKIYDGKIFPGKGGEKQWICKDTIIHGDTNGACIPPRTQNLCVGELWDKRYGGRSNIK
NDTKESLKQKIKNAIQKETELLYEYHDKGTAIISRNPMKGQKEKEEKNNDSNGLPKGFCHAVQRSFIDYKNMILGTSVNI
YEYIGKLQEDIKKIIEKGTTKQNGKTVGSGAENVNAWWKGIEGEMWDAVRCAITKINKKQKKNGTFSIDECGIFPPTGND
EDQSVSWFKEWSEQFCIERLQYEKNIRDACTNNGQGDKIQGDCKRKCEEYKKYISEKKQEWDKQKTKYENKYVGKSASDL
LKENYPECISANFDFIFNDNIEYKTYYPYGDYSSICSCEQVKYYEYNNAEKKNNKSLCHEKGNDRTWSKKYIKKLENGRT
LEGVYVPPRRQQLCLYELFPIIIKNKNDITNAKKELLETLQIVAEREAYYLWKQYHAHNDTTYLAHKKACCAIRGSFYDL
EDIIKGNDLVHDEYTKYIDSKLNEIFDSSNKNDIETKRARTDWWENEAIAVPNITGANKSDPKTIRQLVWDAMQSGVRKA
IDEEKEKKKPNENFPPCMGVQHIGIAKPQFIRWLEEWTNEFCEKYTKYFEDMKSNCNLRKGADDCDDNSNIECKKACANY
TNWLNPKRIEWNGMSNYYNKIYRKSNKESEDGKDYSMIMEPTVIDYLNKRCNGEINGNYICCSCKNIGENSTSGTVNKKL
QKKETQCEDNKGPLDLMNKVLNKMDPKYSEHKMKCTEVYLEHVEEQLKEIDNAIKDY
;
_entity_poly.pdbx_strand_id   A
#
# COMPACT_ATOMS: atom_id res chain seq x y z
N GLY A 43 20.30 -13.17 1.48
CA GLY A 43 21.12 -14.00 2.34
C GLY A 43 20.89 -13.73 3.81
N TYR A 44 20.44 -14.75 4.53
CA TYR A 44 20.16 -14.64 5.97
C TYR A 44 21.47 -14.83 6.72
N TYR A 45 22.03 -13.73 7.21
CA TYR A 45 23.30 -13.78 7.94
C TYR A 45 23.11 -13.35 9.39
N ARG A 47 23.77 -11.05 11.51
CA ARG A 47 23.52 -9.65 11.86
C ARG A 47 22.91 -8.90 10.69
N LYS A 48 22.42 -9.63 9.71
CA LYS A 48 21.88 -9.06 8.48
C LYS A 48 20.45 -9.52 8.25
N ASN A 49 19.80 -8.86 7.29
CA ASN A 49 18.44 -9.18 6.88
C ASN A 49 18.46 -9.68 5.43
N ILE A 50 17.27 -9.89 4.88
CA ILE A 50 17.14 -10.33 3.50
C ILE A 50 16.98 -9.13 2.56
N LYS A 52 18.52 -8.23 -0.32
CA LYS A 52 19.79 -7.52 -0.50
C LYS A 52 20.40 -7.82 -1.86
N ILE A 53 19.67 -7.48 -2.92
CA ILE A 53 20.17 -7.70 -4.28
C ILE A 53 20.49 -6.37 -4.93
N THR A 54 19.70 -5.34 -4.64
CA THR A 54 19.92 -4.03 -5.25
C THR A 54 20.96 -3.22 -4.47
N VAL A 55 20.66 -2.90 -3.22
CA VAL A 55 21.51 -2.04 -2.40
C VAL A 55 21.55 -2.59 -0.98
N ASN A 56 22.74 -2.64 -0.39
CA ASN A 56 22.92 -3.10 0.97
C ASN A 56 22.97 -1.92 1.94
N HIS A 57 23.20 -2.22 3.21
CA HIS A 57 23.29 -1.19 4.24
C HIS A 57 24.36 -1.51 5.27
N ASP A 59 22.33 -4.95 7.89
CA ASP A 59 22.68 -5.52 6.60
C ASP A 59 24.18 -5.81 6.51
N SER A 60 24.66 -6.68 7.39
CA SER A 60 26.06 -7.09 7.46
C SER A 60 26.98 -5.92 7.74
N GLY A 61 26.47 -4.85 8.34
CA GLY A 61 27.28 -3.68 8.62
C GLY A 61 27.25 -3.28 10.09
N THR A 62 26.50 -4.03 10.90
CA THR A 62 26.39 -3.74 12.32
C THR A 62 27.63 -4.15 13.10
N ASN A 63 28.53 -4.93 12.51
CA ASN A 63 29.72 -5.37 13.22
C ASN A 63 30.82 -4.31 13.20
N ASP A 64 31.29 -3.92 12.02
CA ASP A 64 32.37 -2.96 11.88
C ASP A 64 31.94 -1.90 10.87
N PRO A 65 31.95 -0.62 11.23
CA PRO A 65 31.61 0.44 10.28
C PRO A 65 32.80 0.78 9.39
N CYS A 66 32.54 1.67 8.44
CA CYS A 66 33.58 2.11 7.51
C CYS A 66 34.50 3.16 8.12
N ASP A 67 34.17 3.71 9.28
CA ASP A 67 34.99 4.73 9.90
C ASP A 67 36.27 4.11 10.47
N ARG A 68 37.23 4.99 10.77
CA ARG A 68 38.50 4.54 11.34
C ARG A 68 38.39 4.40 12.86
N PRO A 70 38.49 10.45 9.85
CA PRO A 70 38.59 9.97 8.46
C PRO A 70 37.97 10.95 7.47
N PRO A 71 38.69 12.03 7.16
CA PRO A 71 38.15 13.04 6.25
C PRO A 71 38.08 12.52 4.84
N PRO A 72 36.89 12.54 4.22
CA PRO A 72 36.79 12.13 2.82
C PRO A 72 37.65 13.02 1.93
N TYR A 73 38.30 12.40 0.94
CA TYR A 73 39.23 13.09 0.06
C TYR A 73 38.51 13.54 -1.20
N GLY A 74 38.55 14.84 -1.48
CA GLY A 74 37.90 15.38 -2.66
C GLY A 74 38.83 16.21 -3.52
N CYS A 81 49.38 17.55 -3.71
CA CYS A 81 48.79 18.67 -4.44
C CYS A 81 48.17 19.67 -3.48
N ALA A 82 48.55 19.58 -2.21
CA ALA A 82 48.03 20.52 -1.21
C ALA A 82 48.49 21.94 -1.52
N ILE A 83 47.57 22.89 -1.37
CA ILE A 83 47.85 24.28 -1.70
C ILE A 83 48.92 24.82 -0.75
N ILE A 84 49.89 25.54 -1.32
CA ILE A 84 50.97 26.15 -0.55
C ILE A 84 50.91 27.65 -0.76
N LEU A 85 51.05 28.40 0.33
CA LEU A 85 50.97 29.86 0.29
C LEU A 85 52.37 30.43 0.10
N SER A 86 52.60 31.08 -1.03
CA SER A 86 53.89 31.68 -1.36
C SER A 86 55.05 30.69 -1.25
N GLU A 93 58.24 11.05 4.09
CA GLU A 93 57.34 9.94 4.36
C GLU A 93 57.52 8.83 3.33
N ASN A 94 57.82 9.23 2.09
CA ASN A 94 57.98 8.30 0.98
C ASN A 94 56.70 7.49 0.72
N VAL A 95 55.54 8.10 0.99
CA VAL A 95 54.26 7.46 0.74
C VAL A 95 53.54 8.32 -0.31
N PHE A 96 54.31 8.95 -1.18
CA PHE A 96 53.73 9.75 -2.25
C PHE A 96 53.14 8.91 -3.37
N VAL A 97 53.59 7.66 -3.51
CA VAL A 97 53.05 6.79 -4.56
C VAL A 97 51.55 6.54 -4.37
N PRO A 98 51.04 6.22 -3.18
CA PRO A 98 49.60 6.06 -3.04
C PRO A 98 48.88 7.37 -3.34
N PRO A 99 47.65 7.29 -3.87
CA PRO A 99 46.95 8.51 -4.31
C PRO A 99 46.39 9.33 -3.16
N ARG A 100 45.66 10.41 -3.49
CA ARG A 100 44.96 11.18 -2.47
C ARG A 100 43.97 10.32 -1.69
N ARG A 101 43.21 9.48 -2.38
CA ARG A 101 42.25 8.62 -1.71
C ARG A 101 42.99 7.41 -1.14
N GLN A 102 42.97 7.28 0.18
CA GLN A 102 43.61 6.16 0.85
C GLN A 102 42.67 4.98 1.00
N ARG A 103 41.37 5.20 0.81
CA ARG A 103 40.36 4.17 0.99
C ARG A 103 39.30 4.24 -0.10
N CYS A 105 35.68 2.47 4.28
CA CYS A 105 35.77 1.79 3.00
C CYS A 105 36.59 0.50 3.15
N ILE A 106 37.67 0.57 3.93
CA ILE A 106 38.53 -0.57 4.14
C ILE A 106 38.34 -1.19 5.53
N ASN A 107 37.94 -0.40 6.53
CA ASN A 107 37.79 -0.92 7.88
C ASN A 107 36.70 -1.98 7.95
N ASN A 108 35.63 -1.83 7.17
CA ASN A 108 34.55 -2.82 7.17
C ASN A 108 35.06 -4.17 6.70
N LEU A 109 35.85 -4.18 5.63
CA LEU A 109 36.46 -5.42 5.16
C LEU A 109 37.64 -5.85 6.02
N GLU A 110 38.19 -4.93 6.80
CA GLU A 110 39.32 -5.24 7.67
C GLU A 110 38.90 -6.22 8.76
N LYS A 111 39.89 -6.91 9.32
CA LYS A 111 39.74 -7.87 10.42
C LYS A 111 38.56 -8.82 10.18
N LEU A 112 38.51 -9.38 8.97
CA LEU A 112 37.46 -10.31 8.58
C LEU A 112 37.72 -11.65 9.27
N ASN A 113 37.23 -11.74 10.51
CA ASN A 113 37.33 -12.98 11.28
C ASN A 113 36.03 -13.26 12.02
N VAL A 114 34.91 -12.76 11.51
CA VAL A 114 33.61 -13.09 12.09
C VAL A 114 33.40 -14.60 11.98
N ASP A 115 32.59 -15.14 12.89
CA ASP A 115 32.39 -16.59 12.93
C ASP A 115 31.81 -17.13 11.62
N LYS A 116 31.17 -16.30 10.81
CA LYS A 116 30.62 -16.72 9.53
C LYS A 116 31.70 -16.61 8.46
N ILE A 117 32.57 -17.62 8.44
CA ILE A 117 33.60 -17.73 7.40
C ILE A 117 33.57 -19.07 6.68
N ARG A 118 32.73 -20.02 7.09
CA ARG A 118 32.64 -21.28 6.37
C ARG A 118 31.88 -21.14 5.05
N ASP A 119 31.16 -20.05 4.86
CA ASP A 119 30.39 -19.80 3.65
C ASP A 119 30.94 -18.60 2.90
N LYS A 120 31.16 -18.76 1.59
CA LYS A 120 31.67 -17.67 0.77
C LYS A 120 30.63 -16.57 0.56
N HIS A 121 29.35 -16.86 0.80
CA HIS A 121 28.31 -15.85 0.59
C HIS A 121 28.45 -14.71 1.58
N ALA A 122 28.86 -14.99 2.82
CA ALA A 122 29.10 -13.92 3.78
C ALA A 122 30.24 -13.02 3.32
N PHE A 123 31.31 -13.62 2.80
CA PHE A 123 32.42 -12.83 2.26
C PHE A 123 31.96 -11.97 1.10
N LEU A 124 31.14 -12.55 0.22
CA LEU A 124 30.61 -11.78 -0.91
C LEU A 124 29.76 -10.61 -0.42
N ALA A 125 28.90 -10.85 0.56
CA ALA A 125 28.06 -9.78 1.09
C ALA A 125 28.91 -8.68 1.70
N ASP A 126 29.94 -9.05 2.46
CA ASP A 126 30.80 -8.04 3.08
C ASP A 126 31.56 -7.22 2.04
N VAL A 127 32.11 -7.90 1.02
CA VAL A 127 32.88 -7.16 0.02
C VAL A 127 31.97 -6.26 -0.81
N LEU A 128 30.76 -6.72 -1.11
CA LEU A 128 29.82 -5.86 -1.83
C LEU A 128 29.37 -4.69 -0.97
N LEU A 129 29.22 -4.89 0.34
CA LEU A 129 28.90 -3.77 1.22
C LEU A 129 30.02 -2.74 1.22
N THR A 130 31.27 -3.20 1.32
CA THR A 130 32.41 -2.27 1.28
C THR A 130 32.46 -1.53 -0.05
N ALA A 131 32.23 -2.25 -1.16
CA ALA A 131 32.25 -1.62 -2.47
C ALA A 131 31.14 -0.58 -2.61
N ARG A 132 29.94 -0.91 -2.10
CA ARG A 132 28.82 0.03 -2.16
C ARG A 132 29.11 1.29 -1.35
N ASN A 133 29.65 1.12 -0.14
CA ASN A 133 29.98 2.30 0.68
C ASN A 133 31.06 3.14 0.02
N GLU A 134 32.08 2.48 -0.56
CA GLU A 134 33.13 3.22 -1.26
C GLU A 134 32.56 3.99 -2.45
N GLY A 135 31.68 3.34 -3.22
CA GLY A 135 31.08 4.02 -4.36
C GLY A 135 30.24 5.21 -3.96
N GLU A 136 29.44 5.05 -2.90
CA GLU A 136 28.64 6.17 -2.42
C GLU A 136 29.53 7.32 -1.93
N ARG A 137 30.61 6.99 -1.23
CA ARG A 137 31.53 8.03 -0.77
C ARG A 137 32.15 8.77 -1.95
N ILE A 138 32.58 8.03 -2.98
CA ILE A 138 33.20 8.67 -4.14
C ILE A 138 32.17 9.53 -4.88
N VAL A 139 30.94 9.05 -5.00
CA VAL A 139 29.91 9.80 -5.71
C VAL A 139 29.59 11.10 -4.99
N GLN A 140 29.43 11.03 -3.67
CA GLN A 140 29.09 12.21 -2.89
C GLN A 140 30.31 13.08 -2.56
N ASN A 141 31.52 12.64 -2.91
CA ASN A 141 32.74 13.31 -2.52
C ASN A 141 33.41 14.05 -3.70
N HIS A 142 33.68 13.33 -4.79
CA HIS A 142 34.54 13.80 -5.87
C HIS A 142 34.01 15.08 -6.49
N PRO A 143 34.66 16.22 -6.26
CA PRO A 143 34.19 17.53 -6.79
C PRO A 143 34.80 17.87 -8.14
N ASP A 144 34.31 17.20 -9.19
CA ASP A 144 34.81 17.45 -10.54
C ASP A 144 33.79 18.14 -11.44
N THR A 145 32.50 18.07 -11.12
CA THR A 145 31.43 18.63 -11.94
C THR A 145 31.50 18.09 -13.37
N ASN A 146 31.87 16.82 -13.50
CA ASN A 146 31.94 16.15 -14.79
C ASN A 146 31.67 14.68 -14.58
N SER A 147 30.63 14.16 -15.23
CA SER A 147 30.22 12.77 -15.00
C SER A 147 31.28 11.78 -15.48
N SER A 148 31.98 12.11 -16.57
CA SER A 148 33.02 11.23 -17.06
C SER A 148 34.12 11.05 -16.04
N ASN A 149 34.53 12.14 -15.37
CA ASN A 149 35.57 12.05 -14.36
C ASN A 149 35.10 11.27 -13.14
N VAL A 150 33.83 11.45 -12.76
CA VAL A 150 33.29 10.67 -11.65
C VAL A 150 33.27 9.18 -11.98
N CYS A 151 32.88 8.85 -13.21
CA CYS A 151 32.91 7.45 -13.63
C CYS A 151 34.34 6.90 -13.63
N ASN A 152 35.30 7.72 -14.08
CA ASN A 152 36.70 7.29 -14.05
C ASN A 152 37.16 7.04 -12.63
N ALA A 153 36.78 7.93 -11.69
CA ALA A 153 37.15 7.74 -10.30
C ALA A 153 36.52 6.48 -9.72
N LEU A 154 35.25 6.21 -10.08
CA LEU A 154 34.60 4.99 -9.61
C LEU A 154 35.30 3.76 -10.17
N GLU A 155 35.70 3.80 -11.44
CA GLU A 155 36.43 2.67 -12.02
C GLU A 155 37.79 2.49 -11.37
N ARG A 156 38.46 3.60 -11.03
CA ARG A 156 39.74 3.50 -10.34
C ARG A 156 39.58 2.88 -8.96
N SER A 157 38.52 3.27 -8.24
CA SER A 157 38.24 2.64 -6.95
C SER A 157 37.90 1.17 -7.11
N PHE A 158 37.19 0.82 -8.19
CA PHE A 158 36.89 -0.58 -8.47
C PHE A 158 38.16 -1.37 -8.71
N ALA A 159 39.10 -0.81 -9.47
CA ALA A 159 40.38 -1.48 -9.68
C ALA A 159 41.19 -1.56 -8.38
N ASP A 160 41.09 -0.54 -7.53
CA ASP A 160 41.75 -0.58 -6.24
C ASP A 160 41.24 -1.75 -5.40
N ILE A 161 39.92 -1.88 -5.28
CA ILE A 161 39.37 -2.99 -4.50
C ILE A 161 39.64 -4.32 -5.21
N ALA A 162 39.78 -4.29 -6.54
CA ALA A 162 40.19 -5.49 -7.26
C ALA A 162 41.56 -5.96 -6.81
N ASP A 163 42.52 -5.03 -6.73
CA ASP A 163 43.85 -5.38 -6.27
C ASP A 163 43.88 -5.70 -4.78
N ILE A 164 42.94 -5.14 -4.00
CA ILE A 164 42.85 -5.50 -2.59
C ILE A 164 42.41 -6.95 -2.44
N ILE A 165 41.36 -7.35 -3.15
CA ILE A 165 40.84 -8.70 -3.03
C ILE A 165 41.81 -9.71 -3.61
N ARG A 166 42.33 -9.43 -4.82
CA ARG A 166 43.30 -10.34 -5.41
C ARG A 166 44.60 -10.39 -4.62
N GLY A 167 44.92 -9.31 -3.91
CA GLY A 167 46.11 -9.29 -3.06
C GLY A 167 47.40 -9.52 -3.82
N THR A 168 47.49 -9.00 -5.03
CA THR A 168 48.67 -9.22 -5.86
C THR A 168 49.72 -8.12 -5.66
N ASP A 169 49.30 -6.86 -5.66
CA ASP A 169 50.20 -5.72 -5.54
C ASP A 169 49.84 -4.83 -4.36
N LEU A 170 49.38 -5.43 -3.26
CA LEU A 170 48.85 -4.67 -2.14
C LEU A 170 49.95 -3.83 -1.50
N TRP A 171 49.91 -2.52 -1.72
CA TRP A 171 50.83 -1.56 -1.11
C TRP A 171 50.02 -0.39 -0.58
N LYS A 172 49.55 -0.50 0.66
CA LYS A 172 48.83 0.57 1.33
C LYS A 172 49.39 0.74 2.73
N GLY A 173 49.69 1.97 3.11
CA GLY A 173 50.27 2.27 4.41
C GLY A 173 49.26 2.11 5.54
N ASN A 175 46.64 -1.58 4.59
CA ASN A 175 46.64 -1.39 6.03
C ASN A 175 47.20 -2.63 6.73
N SER A 176 47.62 -2.46 7.98
CA SER A 176 48.18 -3.56 8.75
C SER A 176 47.12 -4.61 9.04
N ASN A 177 47.53 -5.89 8.99
CA ASN A 177 46.67 -7.02 9.35
C ASN A 177 45.44 -7.10 8.44
N LEU A 178 45.68 -7.17 7.14
CA LEU A 178 44.61 -7.37 6.16
C LEU A 178 44.83 -8.58 5.27
N GLU A 179 46.06 -8.81 4.82
CA GLU A 179 46.34 -9.95 3.97
C GLU A 179 46.08 -11.27 4.70
N GLN A 180 46.45 -11.33 5.98
CA GLN A 180 46.17 -12.53 6.76
C GLN A 180 44.67 -12.74 6.94
N ASN A 181 43.91 -11.66 7.11
CA ASN A 181 42.46 -11.77 7.22
C ASN A 181 41.86 -12.31 5.93
N LEU A 182 42.33 -11.83 4.78
CA LEU A 182 41.85 -12.36 3.51
C LEU A 182 42.25 -13.81 3.32
N LYS A 183 43.48 -14.16 3.71
CA LYS A 183 43.96 -15.53 3.52
C LYS A 183 43.21 -16.50 4.42
N GLN A 184 42.76 -16.05 5.60
CA GLN A 184 41.94 -16.91 6.45
C GLN A 184 40.68 -17.36 5.71
N MET A 185 39.97 -16.40 5.10
CA MET A 185 38.77 -16.74 4.35
C MET A 185 39.10 -17.59 3.13
N PHE A 186 40.17 -17.24 2.41
CA PHE A 186 40.49 -17.96 1.19
C PHE A 186 41.07 -19.34 1.44
N ALA A 187 41.48 -19.64 2.68
CA ALA A 187 41.84 -20.99 3.06
C ALA A 187 40.66 -21.75 3.65
N LYS A 188 39.73 -21.05 4.29
CA LYS A 188 38.49 -21.70 4.73
C LYS A 188 37.68 -22.18 3.53
N ILE A 189 37.62 -21.36 2.47
CA ILE A 189 36.89 -21.78 1.27
C ILE A 189 37.62 -22.94 0.59
N ARG A 190 38.95 -22.99 0.70
CA ARG A 190 39.73 -24.06 0.09
C ARG A 190 39.57 -25.36 0.88
N ARG A 207 47.50 -18.12 -4.89
CA ARG A 207 46.77 -16.87 -5.08
C ARG A 207 45.99 -16.87 -6.39
N LYS A 208 46.18 -17.93 -7.18
CA LYS A 208 45.43 -18.05 -8.42
C LYS A 208 43.94 -18.19 -8.16
N LEU A 209 43.58 -18.88 -7.08
CA LEU A 209 42.17 -18.98 -6.70
C LEU A 209 41.56 -17.62 -6.40
N ARG A 210 42.35 -16.72 -5.81
CA ARG A 210 41.86 -15.36 -5.56
C ARG A 210 41.56 -14.65 -6.87
N GLU A 211 42.44 -14.79 -7.86
CA GLU A 211 42.20 -14.19 -9.17
C GLU A 211 40.96 -14.77 -9.82
N ASP A 212 40.77 -16.09 -9.71
CA ASP A 212 39.58 -16.72 -10.27
C ASP A 212 38.32 -16.20 -9.58
N TRP A 213 38.37 -16.07 -8.26
CA TRP A 213 37.22 -15.54 -7.52
C TRP A 213 36.88 -14.12 -7.95
N TRP A 214 37.91 -13.28 -8.13
CA TRP A 214 37.65 -11.92 -8.59
C TRP A 214 37.08 -11.91 -10.00
N ASN A 215 37.64 -12.72 -10.90
CA ASN A 215 37.12 -12.77 -12.26
C ASN A 215 35.71 -13.35 -12.31
N ALA A 216 35.30 -14.09 -11.29
CA ALA A 216 33.94 -14.60 -11.21
C ALA A 216 32.96 -13.57 -10.66
N ASN A 217 33.35 -12.83 -9.62
CA ASN A 217 32.45 -11.88 -8.97
C ASN A 217 32.63 -10.45 -9.44
N ARG A 218 33.41 -10.24 -10.50
CA ARG A 218 33.60 -8.89 -11.05
C ARG A 218 32.28 -8.24 -11.43
N GLN A 219 31.40 -8.99 -12.09
CA GLN A 219 30.13 -8.42 -12.54
C GLN A 219 29.30 -7.93 -11.37
N LYS A 220 29.17 -8.76 -10.32
CA LYS A 220 28.39 -8.37 -9.16
C LYS A 220 29.02 -7.20 -8.43
N VAL A 221 30.34 -7.18 -8.29
CA VAL A 221 31.00 -6.08 -7.60
C VAL A 221 30.79 -4.78 -8.36
N TRP A 222 30.91 -4.81 -9.69
CA TRP A 222 30.69 -3.58 -10.45
C TRP A 222 29.23 -3.17 -10.44
N GLU A 223 28.31 -4.13 -10.36
CA GLU A 223 26.90 -3.79 -10.20
C GLU A 223 26.65 -3.08 -8.87
N VAL A 224 27.32 -3.53 -7.80
CA VAL A 224 27.02 -2.95 -6.50
C VAL A 224 27.75 -1.62 -6.29
N ILE A 225 28.92 -1.45 -6.90
CA ILE A 225 29.73 -0.27 -6.60
C ILE A 225 29.11 0.99 -7.21
N THR A 226 28.52 0.88 -8.40
CA THR A 226 27.97 2.03 -9.10
C THR A 226 26.49 2.23 -8.81
N CYS A 227 25.97 1.63 -7.74
CA CYS A 227 24.56 1.80 -7.39
C CYS A 227 24.25 3.26 -7.05
N GLY A 228 25.15 3.91 -6.31
CA GLY A 228 24.95 5.29 -5.91
C GLY A 228 25.28 6.34 -6.94
N ALA A 229 25.76 5.93 -8.12
CA ALA A 229 26.09 6.88 -9.16
C ALA A 229 24.83 7.61 -9.64
N ARG A 230 24.99 8.89 -9.97
CA ARG A 230 23.86 9.69 -10.41
C ARG A 230 23.32 9.17 -11.73
N SER A 231 22.03 9.43 -11.97
CA SER A 231 21.38 8.93 -13.18
C SER A 231 22.02 9.48 -14.44
N ASN A 232 22.35 10.78 -14.45
CA ASN A 232 22.96 11.41 -15.61
C ASN A 232 24.48 11.37 -15.54
N ASP A 233 25.03 10.18 -15.33
CA ASP A 233 26.47 9.96 -15.31
C ASP A 233 26.89 9.19 -16.56
N LEU A 234 27.98 9.62 -17.18
CA LEU A 234 28.44 9.06 -18.44
C LEU A 234 29.78 8.37 -18.26
N LEU A 235 29.95 7.24 -18.94
CA LEU A 235 31.19 6.47 -18.92
C LEU A 235 31.73 6.38 -20.34
N ILE A 236 33.01 6.70 -20.51
CA ILE A 236 33.63 6.69 -21.84
C ILE A 236 33.74 5.26 -22.36
N LYS A 237 34.04 4.30 -21.47
CA LYS A 237 34.26 2.90 -21.79
C LYS A 237 35.11 2.72 -23.04
N ARG A 238 36.19 3.49 -23.15
CA ARG A 238 37.08 3.38 -24.30
C ARG A 238 37.70 2.00 -24.40
N GLY A 239 38.16 1.46 -23.27
CA GLY A 239 38.75 0.13 -23.25
C GLY A 239 40.06 0.04 -24.01
N CYS A 255 26.83 3.29 -21.22
CA CYS A 255 27.56 4.51 -20.92
C CYS A 255 26.90 5.29 -19.80
N ARG A 256 25.58 5.16 -19.68
CA ARG A 256 24.83 5.96 -18.72
C ARG A 256 24.96 5.38 -17.32
N LYS A 257 24.96 6.27 -16.32
CA LYS A 257 25.14 5.91 -14.91
C LYS A 257 26.42 5.10 -14.72
N CYS A 258 27.54 5.67 -15.18
CA CYS A 258 28.87 5.11 -14.95
C CYS A 258 28.97 3.65 -15.42
N GLY A 259 28.28 3.35 -16.52
CA GLY A 259 28.30 1.98 -17.04
C GLY A 259 27.69 0.96 -16.12
N HIS A 260 26.73 1.37 -15.29
CA HIS A 260 26.05 0.43 -14.41
C HIS A 260 25.25 -0.60 -15.21
N TYR A 261 24.69 -0.18 -16.34
CA TYR A 261 23.84 -1.01 -17.18
C TYR A 261 24.55 -1.21 -18.52
N GLU A 262 25.44 -2.22 -18.56
CA GLU A 262 26.17 -2.56 -19.76
C GLU A 262 26.20 -4.06 -20.05
N GLU A 263 25.86 -4.91 -19.09
CA GLU A 263 25.94 -6.37 -19.21
C GLU A 263 27.36 -6.84 -19.53
N LYS A 264 28.37 -6.00 -19.25
CA LYS A 264 29.76 -6.38 -19.42
C LYS A 264 30.59 -5.49 -18.49
N VAL A 265 31.00 -6.05 -17.35
CA VAL A 265 31.67 -5.32 -16.26
C VAL A 265 31.19 -3.87 -16.13
N THR A 267 32.03 -2.56 -19.62
CA THR A 267 32.61 -1.24 -19.38
C THR A 267 34.12 -1.29 -19.44
N LYS A 268 34.77 -0.51 -18.57
CA LYS A 268 36.23 -0.40 -18.60
C LYS A 268 36.87 -1.70 -18.16
N LEU A 269 38.05 -1.99 -18.73
CA LEU A 269 38.80 -3.21 -18.46
C LEU A 269 40.12 -2.80 -17.79
N ASP A 270 40.08 -2.72 -16.45
CA ASP A 270 41.26 -2.32 -15.68
C ASP A 270 41.94 -3.55 -15.11
N TYR A 271 42.66 -4.27 -15.98
CA TYR A 271 43.58 -5.31 -15.57
C TYR A 271 45.03 -4.83 -15.50
N VAL A 272 45.27 -3.54 -15.73
CA VAL A 272 46.62 -2.99 -15.71
C VAL A 272 47.18 -3.06 -14.30
N PRO A 273 48.49 -3.26 -14.13
CA PRO A 273 49.08 -3.14 -12.79
C PRO A 273 48.87 -1.75 -12.23
N GLN A 274 48.66 -1.68 -10.91
CA GLN A 274 48.26 -0.41 -10.31
C GLN A 274 49.39 0.61 -10.31
N PHE A 275 50.61 0.23 -10.69
CA PHE A 275 51.69 1.22 -10.77
C PHE A 275 51.36 2.26 -11.85
N LEU A 276 51.07 1.80 -13.07
CA LEU A 276 50.68 2.72 -14.13
C LEU A 276 49.35 3.37 -13.85
N ARG A 277 48.42 2.64 -13.22
CA ARG A 277 47.13 3.22 -12.88
C ARG A 277 47.29 4.39 -11.91
N TRP A 278 48.14 4.22 -10.91
CA TRP A 278 48.41 5.29 -9.95
C TRP A 278 49.14 6.44 -10.62
N LEU A 279 50.06 6.15 -11.54
CA LEU A 279 50.74 7.22 -12.25
C LEU A 279 49.75 8.04 -13.08
N THR A 280 48.84 7.37 -13.77
CA THR A 280 47.82 8.05 -14.56
C THR A 280 46.90 8.89 -13.67
N GLU A 281 46.46 8.31 -12.54
CA GLU A 281 45.63 9.07 -11.63
C GLU A 281 46.39 10.26 -11.05
N TRP A 282 47.69 10.11 -10.84
CA TRP A 282 48.51 11.20 -10.30
C TRP A 282 48.59 12.35 -11.29
N ILE A 283 48.88 12.05 -12.56
CA ILE A 283 48.98 13.11 -13.56
C ILE A 283 47.62 13.75 -13.78
N GLU A 284 46.55 12.95 -13.72
CA GLU A 284 45.20 13.51 -13.81
C GLU A 284 44.92 14.44 -12.64
N ASP A 285 45.35 14.06 -11.43
CA ASP A 285 45.16 14.90 -10.26
C ASP A 285 45.93 16.21 -10.39
N PHE A 286 47.17 16.14 -10.87
CA PHE A 286 47.94 17.37 -11.07
C PHE A 286 47.30 18.29 -12.12
N TYR A 287 46.85 17.72 -13.24
CA TYR A 287 46.20 18.56 -14.25
C TYR A 287 44.91 19.17 -13.70
N ARG A 288 44.13 18.38 -12.97
CA ARG A 288 42.89 18.89 -12.38
C ARG A 288 43.19 19.99 -11.37
N GLU A 289 44.26 19.84 -10.59
CA GLU A 289 44.65 20.88 -9.64
C GLU A 289 45.09 22.14 -10.37
N LYS A 290 45.78 21.99 -11.51
CA LYS A 290 46.17 23.16 -12.30
C LYS A 290 44.94 23.90 -12.80
N GLN A 291 43.96 23.17 -13.33
CA GLN A 291 42.74 23.85 -13.78
C GLN A 291 41.96 24.44 -12.60
N ASN A 292 41.99 23.80 -11.44
CA ASN A 292 41.34 24.36 -10.26
C ASN A 292 42.00 25.66 -9.84
N LEU A 293 43.34 25.70 -9.87
CA LEU A 293 44.05 26.93 -9.54
C LEU A 293 43.76 28.02 -10.56
N ILE A 294 43.65 27.65 -11.84
CA ILE A 294 43.28 28.63 -12.86
C ILE A 294 41.89 29.19 -12.59
N ASP A 295 40.94 28.31 -12.27
CA ASP A 295 39.59 28.78 -11.93
C ASP A 295 39.61 29.67 -10.70
N ASP A 296 40.48 29.35 -9.73
CA ASP A 296 40.60 30.16 -8.53
C ASP A 296 41.12 31.56 -8.85
N MET A 297 42.22 31.65 -9.60
CA MET A 297 42.79 32.96 -9.88
C MET A 297 41.98 33.73 -10.91
N GLU A 298 41.07 33.06 -11.63
CA GLU A 298 40.17 33.77 -12.52
C GLU A 298 39.31 34.76 -11.75
N ARG A 299 38.80 34.36 -10.60
CA ARG A 299 38.03 35.23 -9.72
C ARG A 299 38.88 35.88 -8.64
N HIS A 300 40.19 35.63 -8.62
CA HIS A 300 41.10 36.18 -7.62
C HIS A 300 42.08 37.18 -8.20
N ARG A 301 42.84 36.79 -9.23
CA ARG A 301 43.81 37.71 -9.81
C ARG A 301 43.15 38.92 -10.44
N GLU A 302 42.03 38.72 -11.13
CA GLU A 302 41.36 39.83 -11.80
C GLU A 302 40.71 40.78 -10.80
N GLU A 303 40.33 40.29 -9.62
CA GLU A 303 39.67 41.12 -8.63
C GLU A 303 40.64 41.71 -7.61
N CYS A 304 41.68 40.95 -7.23
CA CYS A 304 42.65 41.45 -6.27
C CYS A 304 43.74 42.31 -6.90
N THR A 305 43.77 42.41 -8.23
CA THR A 305 44.77 43.22 -8.91
C THR A 305 44.16 43.92 -10.13
N CYS A 318 47.82 38.01 -8.78
CA CYS A 318 48.80 38.32 -9.81
C CYS A 318 50.15 37.70 -9.49
N SER A 319 50.94 38.42 -8.69
CA SER A 319 52.25 37.90 -8.29
C SER A 319 52.12 36.64 -7.46
N THR A 320 51.15 36.60 -6.54
CA THR A 320 50.97 35.43 -5.69
C THR A 320 50.60 34.21 -6.51
N CYS A 321 49.79 34.39 -7.56
CA CYS A 321 49.46 33.27 -8.44
C CYS A 321 50.70 32.71 -9.11
N LYS A 322 51.59 33.60 -9.59
CA LYS A 322 52.82 33.13 -10.21
C LYS A 322 53.72 32.43 -9.21
N ASP A 323 53.77 32.93 -7.97
CA ASP A 323 54.57 32.27 -6.95
C ASP A 323 54.02 30.88 -6.64
N LYS A 324 52.70 30.74 -6.57
CA LYS A 324 52.10 29.44 -6.35
C LYS A 324 52.38 28.49 -7.51
N CYS A 325 52.32 29.01 -8.75
CA CYS A 325 52.65 28.20 -9.91
C CYS A 325 54.10 27.72 -9.85
N LYS A 326 55.01 28.62 -9.48
CA LYS A 326 56.41 28.22 -9.31
C LYS A 326 56.56 27.14 -8.25
N LYS A 327 55.90 27.32 -7.10
CA LYS A 327 56.00 26.35 -6.02
C LYS A 327 55.49 24.99 -6.45
N TYR A 328 54.35 24.96 -7.16
CA TYR A 328 53.86 23.69 -7.69
C TYR A 328 54.81 23.12 -8.73
N CYS A 329 55.55 23.98 -9.45
CA CYS A 329 56.56 23.48 -10.37
C CYS A 329 57.66 22.73 -9.63
N GLU A 330 58.20 23.33 -8.55
CA GLU A 330 59.22 22.58 -7.80
C GLU A 330 58.62 21.34 -7.14
N CYS A 331 57.35 21.38 -6.73
CA CYS A 331 56.73 20.20 -6.16
C CYS A 331 56.64 19.07 -7.18
N VAL A 332 56.25 19.39 -8.42
CA VAL A 332 56.18 18.39 -9.47
C VAL A 332 57.57 17.84 -9.79
N LYS A 333 58.57 18.72 -9.83
CA LYS A 333 59.94 18.27 -10.09
C LYS A 333 60.43 17.36 -8.96
N LYS A 334 60.10 17.71 -7.72
CA LYS A 334 60.49 16.87 -6.58
C LYS A 334 59.82 15.50 -6.65
N TRP A 335 58.54 15.46 -7.04
CA TRP A 335 57.90 14.17 -7.26
C TRP A 335 58.60 13.36 -8.35
N LYS A 336 58.91 14.01 -9.48
CA LYS A 336 59.48 13.27 -10.59
C LYS A 336 60.91 12.83 -10.32
N SER A 337 61.60 13.50 -9.40
CA SER A 337 62.98 13.12 -9.07
C SER A 337 63.04 11.70 -8.52
N GLU A 338 62.14 11.35 -7.59
CA GLU A 338 62.13 10.02 -7.01
C GLU A 338 61.52 8.97 -7.93
N TRP A 339 60.89 9.38 -9.02
CA TRP A 339 60.21 8.46 -9.92
C TRP A 339 61.19 7.83 -10.91
N ASN A 341 64.22 5.71 -9.75
CA ASN A 341 64.68 4.37 -9.39
C ASN A 341 63.52 3.51 -8.91
N GLN A 342 62.51 4.15 -8.31
CA GLN A 342 61.33 3.43 -7.85
C GLN A 342 60.48 2.92 -9.01
N LYS A 343 60.68 3.47 -10.22
CA LYS A 343 59.89 3.01 -11.36
C LYS A 343 60.26 1.58 -11.75
N ASN A 344 61.46 1.12 -11.37
CA ASN A 344 61.87 -0.25 -11.64
C ASN A 344 61.33 -1.23 -10.60
N LYS A 345 60.74 -0.73 -9.51
CA LYS A 345 60.21 -1.55 -8.44
C LYS A 345 61.29 -2.46 -7.84
N CYS A 424 20.84 41.22 -18.12
CA CYS A 424 19.82 40.18 -18.22
C CYS A 424 20.27 39.08 -19.19
N ASN A 425 19.29 38.38 -19.75
CA ASN A 425 19.45 37.29 -20.72
C ASN A 425 20.62 36.35 -20.38
N CYS A 426 20.86 36.15 -19.09
CA CYS A 426 21.95 35.32 -18.60
C CYS A 426 21.60 34.87 -17.18
N ASN A 427 22.59 34.35 -16.45
CA ASN A 427 22.38 33.79 -15.13
C ASN A 427 22.71 34.77 -14.00
N GLU A 428 22.54 36.08 -14.23
CA GLU A 428 22.81 37.04 -13.17
C GLU A 428 21.80 36.92 -12.04
N SER A 429 20.52 36.72 -12.38
CA SER A 429 19.47 36.71 -11.36
C SER A 429 19.62 35.52 -10.42
N GLY A 430 19.77 34.32 -10.98
CA GLY A 430 19.90 33.13 -10.15
C GLY A 430 18.63 32.79 -9.40
N ILE A 431 17.59 32.41 -10.14
CA ILE A 431 16.29 32.09 -9.57
C ILE A 431 16.20 30.58 -9.39
N ALA A 432 15.89 30.14 -8.17
CA ALA A 432 15.66 28.72 -7.88
C ALA A 432 14.19 28.55 -7.56
N SER A 433 13.40 28.32 -8.61
CA SER A 433 11.95 28.22 -8.46
C SER A 433 11.58 27.01 -7.62
N VAL A 434 10.55 27.17 -6.79
CA VAL A 434 10.04 26.12 -5.93
C VAL A 434 8.60 25.83 -6.32
N GLU A 435 8.24 24.54 -6.35
CA GLU A 435 6.91 24.13 -6.78
C GLU A 435 5.87 24.44 -5.72
N GLN A 436 4.68 24.86 -6.16
CA GLN A 436 3.54 25.04 -5.26
C GLN A 436 2.29 24.74 -6.08
N GLU A 437 1.82 23.49 -6.00
CA GLU A 437 0.65 23.05 -6.74
C GLU A 437 -0.41 22.56 -5.77
N GLN A 438 -1.67 22.78 -6.13
CA GLN A 438 -2.82 22.37 -5.33
C GLN A 438 -3.71 21.45 -6.16
N ILE A 439 -4.76 20.94 -5.51
CA ILE A 439 -5.69 20.03 -6.16
C ILE A 439 -6.50 20.76 -7.23
N LYS A 553 11.56 15.30 -42.12
CA LYS A 553 11.47 14.31 -41.05
C LYS A 553 11.36 12.89 -41.62
N ASN A 554 11.37 11.90 -40.72
CA ASN A 554 11.28 10.50 -41.13
C ASN A 554 10.14 9.80 -40.40
N ASN A 555 10.07 8.47 -40.54
CA ASN A 555 9.01 7.72 -39.89
C ASN A 555 9.13 7.83 -38.37
N LYS A 556 8.00 8.09 -37.72
CA LYS A 556 7.96 8.26 -36.27
C LYS A 556 6.79 7.46 -35.71
N ASN A 557 7.07 6.67 -34.67
CA ASN A 557 6.05 5.89 -33.97
C ASN A 557 6.44 5.82 -32.50
N TRP A 558 5.47 5.47 -31.67
CA TRP A 558 5.71 5.42 -30.23
C TRP A 558 6.69 4.30 -29.90
N ILE A 559 7.86 4.67 -29.40
CA ILE A 559 8.91 3.73 -29.05
C ILE A 559 8.82 3.41 -27.57
N TRP A 560 8.76 2.12 -27.24
CA TRP A 560 8.69 1.67 -25.86
C TRP A 560 9.89 0.84 -25.43
N LYS A 561 10.70 0.37 -26.36
CA LYS A 561 11.85 -0.47 -26.01
C LYS A 561 12.96 0.36 -25.37
N LYS A 562 14.02 -0.33 -24.98
CA LYS A 562 15.17 0.33 -24.38
C LYS A 562 15.87 1.22 -25.40
N SER A 563 16.83 2.00 -24.92
CA SER A 563 17.61 2.85 -25.80
C SER A 563 18.34 2.00 -26.82
N SER A 564 17.90 2.05 -28.07
CA SER A 564 18.44 1.18 -29.11
C SER A 564 19.76 1.76 -29.60
N GLY A 565 20.26 1.22 -30.71
CA GLY A 565 21.51 1.72 -31.26
C GLY A 565 21.42 3.18 -31.67
N LYS A 566 20.34 3.55 -32.36
CA LYS A 566 20.20 4.94 -32.83
C LYS A 566 18.80 5.50 -32.65
N GLU A 567 17.82 4.72 -32.20
CA GLU A 567 16.44 5.19 -32.14
C GLU A 567 15.86 4.99 -30.75
N GLY A 568 15.14 6.00 -30.27
CA GLY A 568 14.29 5.93 -29.09
C GLY A 568 14.97 5.50 -27.78
N GLY A 569 14.13 5.32 -26.78
CA GLY A 569 14.57 4.94 -25.45
C GLY A 569 13.63 5.43 -24.36
N GLN A 571 15.51 5.27 -21.96
CA GLN A 571 16.58 4.74 -21.15
C GLN A 571 16.35 3.26 -20.84
N LYS A 572 17.42 2.61 -20.36
CA LYS A 572 17.32 1.20 -20.00
C LYS A 572 16.35 0.99 -18.85
N GLU A 573 16.33 1.91 -17.87
CA GLU A 573 15.44 1.75 -16.73
C GLU A 573 13.98 1.92 -17.13
N TYR A 574 13.72 2.78 -18.11
CA TYR A 574 12.37 3.14 -18.51
C TYR A 574 11.89 2.32 -19.70
N ALA A 575 12.65 1.30 -20.07
CA ALA A 575 12.27 0.44 -21.19
C ALA A 575 10.98 -0.31 -20.88
N ASN A 576 10.12 -0.41 -21.89
CA ASN A 576 8.90 -1.20 -21.81
C ASN A 576 8.01 -0.77 -20.65
N THR A 577 8.11 0.49 -20.24
CA THR A 577 7.18 1.02 -19.24
C THR A 577 6.70 2.43 -19.53
N ILE A 578 7.19 3.10 -20.56
CA ILE A 578 6.69 4.40 -20.98
C ILE A 578 7.13 4.64 -22.42
N GLY A 579 6.23 5.21 -23.22
CA GLY A 579 6.45 5.35 -24.65
C GLY A 579 6.82 6.77 -25.03
N LEU A 580 7.82 6.89 -25.88
CA LEU A 580 8.21 8.20 -26.40
C LEU A 580 7.16 8.70 -27.40
N PRO A 581 6.61 9.90 -27.20
CA PRO A 581 5.72 10.46 -28.21
C PRO A 581 6.47 10.73 -29.50
N PRO A 582 5.79 10.68 -30.64
CA PRO A 582 6.48 10.95 -31.92
C PRO A 582 7.09 12.34 -31.99
N ARG A 583 6.46 13.34 -31.37
CA ARG A 583 7.03 14.67 -31.35
C ARG A 583 8.32 14.71 -30.53
N THR A 584 8.34 14.02 -29.39
CA THR A 584 9.49 14.08 -28.49
C THR A 584 10.76 13.53 -29.13
N GLN A 585 10.63 12.69 -30.17
CA GLN A 585 11.80 12.18 -30.87
C GLN A 585 12.27 13.09 -32.00
N SER A 586 11.50 14.13 -32.34
CA SER A 586 11.79 14.97 -33.49
C SER A 586 12.08 16.41 -33.09
N LEU A 587 12.85 16.59 -32.01
CA LEU A 587 13.20 17.93 -31.57
C LEU A 587 14.40 18.42 -32.38
N CYS A 588 14.21 19.54 -33.08
CA CYS A 588 15.30 20.10 -33.88
C CYS A 588 16.13 21.02 -32.99
N VAL A 590 22.40 19.27 -29.69
CA VAL A 590 21.54 19.85 -30.72
C VAL A 590 22.18 19.69 -32.10
N VAL A 591 21.42 19.14 -33.04
CA VAL A 591 21.89 18.96 -34.41
C VAL A 591 21.32 19.99 -35.36
N CYS A 592 20.44 20.86 -34.87
CA CYS A 592 19.70 21.80 -35.73
C CYS A 592 20.49 23.08 -35.98
N LEU A 593 21.74 22.91 -36.42
CA LEU A 593 22.61 24.08 -36.62
C LEU A 593 22.27 24.82 -37.91
N ASP A 594 21.97 24.08 -38.98
CA ASP A 594 21.72 24.69 -40.28
C ASP A 594 20.36 24.29 -40.82
N LYS A 596 19.76 19.14 -41.76
CA LYS A 596 19.71 18.64 -40.38
C LYS A 596 21.09 18.19 -39.90
N GLY A 597 22.07 19.07 -40.03
CA GLY A 597 23.43 18.78 -39.60
C GLY A 597 24.09 20.04 -39.11
N LYS A 598 25.42 20.10 -39.26
CA LYS A 598 26.22 21.25 -38.85
C LYS A 598 27.01 21.74 -40.05
N LYS A 599 26.72 22.97 -40.50
CA LYS A 599 27.45 23.57 -41.62
C LYS A 599 27.88 24.98 -41.29
N THR A 600 27.14 25.63 -40.38
CA THR A 600 27.37 27.05 -40.10
C THR A 600 28.52 27.25 -39.11
N GLN A 601 28.36 26.74 -37.89
CA GLN A 601 29.32 27.04 -36.83
C GLN A 601 29.30 25.91 -35.81
N GLU A 602 30.48 25.60 -35.26
CA GLU A 602 30.62 24.47 -34.36
C GLU A 602 29.98 24.74 -33.01
N LEU A 603 29.29 23.73 -32.47
CA LEU A 603 28.61 23.89 -31.19
C LEU A 603 29.59 24.15 -30.05
N LYS A 604 30.72 23.44 -30.04
CA LYS A 604 31.68 23.51 -28.93
C LYS A 604 32.55 24.77 -29.06
N ASN A 605 31.89 25.93 -28.99
CA ASN A 605 32.57 27.21 -28.97
C ASN A 605 31.90 28.18 -28.01
N ILE A 606 31.21 27.66 -26.99
CA ILE A 606 30.45 28.50 -26.07
C ILE A 606 31.45 29.13 -25.11
N ARG A 607 31.87 30.36 -25.42
CA ARG A 607 32.77 31.10 -24.53
C ARG A 607 32.03 31.78 -23.39
N THR A 608 30.79 32.22 -23.63
CA THR A 608 29.96 32.85 -22.62
C THR A 608 28.56 32.27 -22.70
N ASN A 609 27.84 32.32 -21.58
CA ASN A 609 26.49 31.77 -21.54
C ASN A 609 25.53 32.53 -22.44
N SER A 610 25.89 33.74 -22.87
CA SER A 610 25.08 34.43 -23.87
C SER A 610 25.03 33.65 -25.18
N GLU A 611 26.18 33.10 -25.59
CA GLU A 611 26.19 32.25 -26.79
C GLU A 611 25.34 31.01 -26.58
N LEU A 612 25.39 30.42 -25.39
CA LEU A 612 24.57 29.26 -25.09
C LEU A 612 23.08 29.58 -25.20
N LEU A 613 22.67 30.73 -24.65
CA LEU A 613 21.27 31.12 -24.74
C LEU A 613 20.88 31.42 -26.18
N LYS A 614 21.78 32.02 -26.96
CA LYS A 614 21.49 32.26 -28.37
C LYS A 614 21.28 30.95 -29.12
N GLU A 615 22.14 29.96 -28.88
CA GLU A 615 21.99 28.68 -29.55
C GLU A 615 20.70 27.99 -29.14
N TRP A 616 20.37 28.02 -27.84
CA TRP A 616 19.13 27.40 -27.39
C TRP A 616 17.90 28.12 -27.96
N ILE A 617 17.98 29.44 -28.08
CA ILE A 617 16.88 30.21 -28.66
C ILE A 617 16.70 29.83 -30.13
N ILE A 618 17.80 29.69 -30.87
CA ILE A 618 17.69 29.26 -32.26
C ILE A 618 17.07 27.88 -32.35
N ALA A 619 17.50 26.96 -31.48
CA ALA A 619 16.94 25.61 -31.50
C ALA A 619 15.44 25.62 -31.20
N ALA A 620 15.01 26.38 -30.19
CA ALA A 620 13.60 26.45 -29.88
C ALA A 620 12.81 27.10 -31.01
N PHE A 621 13.37 28.15 -31.62
CA PHE A 621 12.68 28.82 -32.71
C PHE A 621 12.49 27.88 -33.90
N HIS A 622 13.52 27.08 -34.23
CA HIS A 622 13.38 26.12 -35.30
C HIS A 622 12.44 24.98 -34.91
N GLU A 623 12.34 24.66 -33.61
CA GLU A 623 11.32 23.73 -33.16
C GLU A 623 9.92 24.28 -33.39
N GLY A 624 9.74 25.59 -33.19
CA GLY A 624 8.43 26.18 -33.40
C GLY A 624 7.91 25.98 -34.80
N LYS A 625 8.79 26.11 -35.81
CA LYS A 625 8.36 25.96 -37.19
C LYS A 625 7.98 24.53 -37.53
N ASN A 626 8.48 23.54 -36.79
CA ASN A 626 8.15 22.15 -37.08
C ASN A 626 6.70 21.82 -36.76
N LEU A 627 6.02 22.65 -35.96
CA LEU A 627 4.63 22.42 -35.60
C LEU A 627 3.70 23.46 -36.21
N LYS A 628 4.13 24.12 -37.28
CA LYS A 628 3.31 25.18 -37.88
C LYS A 628 1.94 24.68 -38.35
N PRO A 629 1.82 23.54 -39.07
CA PRO A 629 0.45 23.12 -39.42
C PRO A 629 -0.32 22.60 -38.21
N ASP A 636 -10.09 26.11 -33.23
CA ASP A 636 -8.74 26.44 -33.68
C ASP A 636 -7.70 25.52 -33.04
N ASP A 637 -6.67 25.18 -33.81
CA ASP A 637 -5.62 24.30 -33.30
C ASP A 637 -4.72 25.02 -32.31
N ASN A 638 -4.54 26.33 -32.46
CA ASN A 638 -3.63 27.09 -31.60
C ASN A 638 -4.15 27.26 -30.18
N GLY A 639 -5.31 26.68 -29.84
CA GLY A 639 -5.84 26.79 -28.51
C GLY A 639 -5.86 25.47 -27.76
N LYS A 640 -5.87 24.36 -28.50
CA LYS A 640 -5.93 23.05 -27.86
C LYS A 640 -4.83 22.12 -28.38
N LYS A 641 -4.42 22.29 -29.64
CA LYS A 641 -3.40 21.44 -30.24
C LYS A 641 -2.02 22.07 -30.18
N LEU A 642 -1.86 23.25 -30.79
CA LEU A 642 -0.54 23.86 -30.86
C LEU A 642 -0.06 24.32 -29.48
N CYS A 643 -0.96 24.83 -28.65
CA CYS A 643 -0.57 25.26 -27.32
C CYS A 643 -0.04 24.07 -26.51
N LYS A 644 -0.75 22.94 -26.56
CA LYS A 644 -0.29 21.76 -25.85
C LYS A 644 1.02 21.23 -26.41
N ALA A 645 1.16 21.21 -27.74
CA ALA A 645 2.40 20.71 -28.34
C ALA A 645 3.59 21.58 -27.95
N LEU A 646 3.40 22.91 -27.98
CA LEU A 646 4.47 23.81 -27.58
C LEU A 646 4.79 23.65 -26.10
N GLU A 647 3.77 23.46 -25.27
CA GLU A 647 4.00 23.23 -23.84
C GLU A 647 4.86 22.00 -23.62
N TYR A 648 4.52 20.90 -24.30
CA TYR A 648 5.26 19.66 -24.11
C TYR A 648 6.69 19.78 -24.66
N SER A 649 6.86 20.44 -25.80
CA SER A 649 8.20 20.62 -26.36
C SER A 649 9.06 21.50 -25.46
N PHE A 650 8.48 22.56 -24.90
CA PHE A 650 9.20 23.42 -23.97
C PHE A 650 9.59 22.67 -22.72
N ALA A 651 8.68 21.84 -22.19
CA ALA A 651 9.01 21.00 -21.04
C ALA A 651 10.11 20.00 -21.38
N ASP A 652 10.11 19.49 -22.61
CA ASP A 652 11.14 18.54 -23.01
C ASP A 652 12.51 19.21 -23.06
N TYR A 653 12.58 20.39 -23.69
CA TYR A 653 13.82 21.19 -23.62
C TYR A 653 14.25 21.42 -22.18
N GLY A 654 13.32 21.78 -21.30
CA GLY A 654 13.69 22.02 -19.92
C GLY A 654 14.27 20.79 -19.25
N ASP A 655 13.59 19.66 -19.39
CA ASP A 655 14.00 18.44 -18.72
C ASP A 655 15.22 17.81 -19.36
N LEU A 656 15.61 18.22 -20.57
CA LEU A 656 16.88 17.76 -21.11
C LEU A 656 18.02 18.72 -20.83
N ILE A 657 17.73 20.01 -20.63
CA ILE A 657 18.77 20.94 -20.21
C ILE A 657 19.15 20.68 -18.76
N LYS A 658 18.18 20.50 -17.87
CA LYS A 658 18.46 20.31 -16.46
C LYS A 658 18.68 18.85 -16.08
N GLY A 659 19.03 18.00 -17.04
CA GLY A 659 19.42 16.64 -16.74
C GLY A 659 18.35 15.78 -16.09
N THR A 660 17.11 15.89 -16.57
CA THR A 660 16.02 15.06 -16.08
C THR A 660 15.44 14.15 -17.15
N SER A 661 15.87 14.30 -18.41
CA SER A 661 15.30 13.52 -19.51
C SER A 661 15.49 12.03 -19.28
N ILE A 662 14.44 11.26 -19.58
CA ILE A 662 14.46 9.82 -19.46
C ILE A 662 14.56 9.12 -20.81
N TRP A 663 14.83 9.87 -21.88
CA TRP A 663 14.90 9.32 -23.22
C TRP A 663 16.27 9.60 -23.84
N ASP A 664 16.65 8.72 -24.77
CA ASP A 664 17.91 8.83 -25.49
C ASP A 664 17.64 8.75 -26.98
N ASN A 665 18.42 9.51 -27.76
CA ASN A 665 18.28 9.52 -29.21
C ASN A 665 19.65 9.56 -29.89
N GLU A 666 20.67 8.98 -29.25
CA GLU A 666 22.05 8.82 -29.72
C GLU A 666 22.69 10.17 -30.06
N TYR A 667 21.94 11.26 -29.86
CA TYR A 667 22.51 12.59 -29.78
C TYR A 667 22.39 13.17 -28.37
N THR A 668 21.50 12.61 -27.55
CA THR A 668 21.34 13.09 -26.18
C THR A 668 22.59 12.85 -25.36
N LYS A 669 23.33 11.78 -25.62
CA LYS A 669 24.58 11.54 -24.91
C LYS A 669 25.59 12.65 -25.17
N ASP A 670 25.82 12.96 -26.45
CA ASP A 670 26.73 14.04 -26.79
C ASP A 670 26.24 15.38 -26.28
N LEU A 671 24.93 15.63 -26.38
CA LEU A 671 24.38 16.89 -25.88
C LEU A 671 24.59 17.03 -24.38
N GLU A 672 24.36 15.96 -23.63
CA GLU A 672 24.55 16.00 -22.18
C GLU A 672 26.01 16.21 -21.83
N LEU A 673 26.92 15.52 -22.53
CA LEU A 673 28.35 15.69 -22.25
C LEU A 673 28.79 17.12 -22.55
N ASN A 674 28.35 17.68 -23.68
CA ASN A 674 28.70 19.05 -24.04
C ASN A 674 28.11 20.04 -23.05
N LEU A 675 26.87 19.81 -22.60
CA LEU A 675 26.27 20.69 -21.61
C LEU A 675 27.04 20.65 -20.29
N GLN A 676 27.45 19.45 -19.86
CA GLN A 676 28.24 19.34 -18.64
C GLN A 676 29.56 20.09 -18.78
N LYS A 677 30.23 19.92 -19.93
CA LYS A 677 31.49 20.63 -20.15
C LYS A 677 31.29 22.13 -20.15
N ILE A 678 30.22 22.61 -20.79
CA ILE A 678 29.97 24.04 -20.88
C ILE A 678 29.67 24.62 -19.51
N PHE A 679 28.82 23.95 -18.73
CA PHE A 679 28.51 24.43 -17.39
C PHE A 679 29.73 24.38 -16.47
N GLY A 680 30.57 23.36 -16.62
CA GLY A 680 31.79 23.31 -15.83
C GLY A 680 32.76 24.42 -16.17
N LYS A 681 32.94 24.70 -17.46
CA LYS A 681 33.91 25.72 -17.86
C LYS A 681 33.37 27.14 -17.75
N LEU A 682 32.05 27.31 -17.59
CA LEU A 682 31.47 28.63 -17.51
C LEU A 682 31.28 29.10 -16.07
N PHE A 683 30.52 28.32 -15.28
CA PHE A 683 30.15 28.72 -13.93
C PHE A 683 30.95 27.91 -12.92
N ARG A 684 31.86 28.57 -12.23
CA ARG A 684 32.68 27.96 -11.18
C ARG A 684 32.46 28.59 -9.82
N LYS A 685 32.25 29.91 -9.76
CA LYS A 685 32.05 30.57 -8.48
C LYS A 685 30.78 30.09 -7.79
N TYR A 686 29.73 29.78 -8.57
CA TYR A 686 28.46 29.36 -8.01
C TYR A 686 28.42 27.89 -7.63
N ILE A 687 29.48 27.13 -7.90
CA ILE A 687 29.50 25.71 -7.57
C ILE A 687 30.78 25.37 -6.82
N GLU A 694 27.40 30.26 4.15
CA GLU A 694 27.12 30.97 2.91
C GLU A 694 26.69 30.01 1.81
N GLN A 695 25.37 29.82 1.68
CA GLN A 695 24.82 28.87 0.71
C GLN A 695 23.73 29.52 -0.13
N ASP A 696 23.87 30.80 -0.45
CA ASP A 696 22.93 31.48 -1.33
C ASP A 696 23.46 31.67 -2.75
N THR A 697 24.65 32.25 -2.90
CA THR A 697 25.26 32.38 -4.21
C THR A 697 25.78 31.03 -4.71
N SER A 698 26.44 30.28 -3.85
CA SER A 698 26.96 28.97 -4.22
C SER A 698 25.87 27.92 -4.15
N TYR A 699 25.88 27.01 -5.11
CA TYR A 699 24.88 25.94 -5.17
C TYR A 699 25.43 24.64 -4.60
N LEU A 702 26.08 20.59 -9.27
CA LEU A 702 25.94 21.28 -10.55
C LEU A 702 24.51 21.17 -11.08
N ASP A 703 23.79 20.14 -10.61
CA ASP A 703 22.40 19.98 -11.02
C ASP A 703 21.55 21.16 -10.58
N GLU A 704 21.78 21.66 -9.36
CA GLU A 704 21.10 22.87 -8.90
C GLU A 704 21.46 24.05 -9.79
N LEU A 705 22.72 24.14 -10.23
CA LEU A 705 23.12 25.18 -11.15
C LEU A 705 22.34 25.08 -12.46
N ARG A 706 22.19 23.87 -13.00
CA ARG A 706 21.43 23.70 -14.23
C ARG A 706 19.97 24.10 -14.04
N GLU A 707 19.37 23.70 -12.91
CA GLU A 707 17.98 24.05 -12.67
C GLU A 707 17.80 25.56 -12.53
N SER A 708 18.71 26.22 -11.83
CA SER A 708 18.63 27.68 -11.69
C SER A 708 18.82 28.37 -13.03
N TRP A 709 19.76 27.90 -13.84
CA TRP A 709 19.96 28.49 -15.16
C TRP A 709 18.74 28.31 -16.03
N TRP A 710 18.11 27.13 -15.99
CA TRP A 710 16.91 26.90 -16.78
C TRP A 710 15.77 27.80 -16.31
N ASN A 711 15.60 27.93 -14.99
CA ASN A 711 14.50 28.75 -14.48
C ASN A 711 14.73 30.23 -14.74
N THR A 712 15.98 30.66 -14.85
CA THR A 712 16.24 32.06 -15.17
C THR A 712 15.98 32.39 -16.63
N ASN A 713 16.09 31.39 -17.51
CA ASN A 713 16.01 31.63 -18.95
C ASN A 713 14.98 30.72 -19.62
N LYS A 714 13.97 30.27 -18.87
CA LYS A 714 12.88 29.53 -19.49
C LYS A 714 11.92 30.45 -20.23
N LYS A 715 11.91 31.74 -19.90
CA LYS A 715 11.00 32.67 -20.56
C LYS A 715 11.42 32.93 -21.99
N TYR A 716 12.72 33.15 -22.22
CA TYR A 716 13.20 33.50 -23.55
C TYR A 716 13.05 32.33 -24.51
N ILE A 717 13.29 31.11 -24.04
CA ILE A 717 13.10 29.93 -24.88
C ILE A 717 11.63 29.81 -25.28
N TRP A 718 10.72 30.03 -24.34
CA TRP A 718 9.30 29.95 -24.62
C TRP A 718 8.88 31.00 -25.64
N LEU A 719 9.38 32.23 -25.48
CA LEU A 719 9.08 33.28 -26.46
C LEU A 719 9.65 32.95 -27.83
N ALA A 720 10.86 32.39 -27.87
CA ALA A 720 11.48 32.04 -29.14
C ALA A 720 10.68 30.97 -29.86
N MET A 721 10.24 29.94 -29.14
CA MET A 721 9.46 28.90 -29.81
C MET A 721 8.07 29.39 -30.20
N LYS A 722 7.50 30.31 -29.41
CA LYS A 722 6.24 30.95 -29.81
C LYS A 722 6.41 31.68 -31.14
N HIS A 723 7.43 32.54 -31.23
CA HIS A 723 7.66 33.28 -32.46
C HIS A 723 8.08 32.37 -33.61
N GLY A 724 8.59 31.17 -33.31
CA GLY A 724 8.89 30.22 -34.35
C GLY A 724 7.70 29.41 -34.83
N ALA A 725 6.66 29.29 -34.00
CA ALA A 725 5.45 28.59 -34.39
C ALA A 725 4.41 29.49 -35.03
N GLY A 726 4.73 30.77 -35.24
CA GLY A 726 3.76 31.74 -35.69
C GLY A 726 2.88 32.31 -34.60
N MET A 727 2.94 31.72 -33.40
CA MET A 727 2.16 32.16 -32.24
C MET A 727 2.83 33.39 -31.65
N ASN A 728 2.53 34.55 -32.24
CA ASN A 728 3.29 35.76 -31.96
C ASN A 728 2.98 36.33 -30.57
N SER A 729 1.73 36.75 -30.35
CA SER A 729 1.38 37.39 -29.10
C SER A 729 -0.13 37.30 -28.89
N THR A 730 -0.53 37.52 -27.64
CA THR A 730 -1.94 37.49 -27.22
C THR A 730 -2.59 36.16 -27.64
N THR A 731 -2.06 35.08 -27.07
CA THR A 731 -2.45 33.73 -27.44
C THR A 731 -2.44 32.87 -26.17
N CYS A 732 -2.53 31.56 -26.37
CA CYS A 732 -2.49 30.59 -25.28
C CYS A 732 -1.19 30.69 -24.48
N SER A 743 0.14 40.88 -24.70
CA SER A 743 1.20 41.30 -23.80
C SER A 743 1.94 40.09 -23.22
N SER A 744 1.48 38.90 -23.58
CA SER A 744 2.03 37.63 -23.10
C SER A 744 2.09 37.59 -21.57
N CYS A 745 0.91 37.68 -20.98
CA CYS A 745 0.78 37.68 -19.52
C CYS A 745 0.59 36.26 -19.02
N ASP A 746 1.45 35.84 -18.09
CA ASP A 746 1.39 34.51 -17.49
C ASP A 746 1.45 33.40 -18.54
N ASP A 747 2.16 33.65 -19.64
CA ASP A 747 2.20 32.70 -20.74
C ASP A 747 3.12 31.53 -20.48
N ILE A 748 4.15 31.71 -19.66
CA ILE A 748 5.11 30.62 -19.43
C ILE A 748 4.41 29.43 -18.79
N PRO A 749 4.50 28.24 -19.37
CA PRO A 749 3.79 27.09 -18.82
C PRO A 749 4.38 26.63 -17.49
N THR A 750 3.52 26.04 -16.67
CA THR A 750 3.93 25.37 -15.44
C THR A 750 4.04 23.87 -15.63
N ILE A 751 3.86 23.38 -16.86
CA ILE A 751 3.91 21.95 -17.13
C ILE A 751 5.32 21.41 -16.92
N ASP A 752 6.34 22.21 -17.22
CA ASP A 752 7.71 21.72 -17.15
C ASP A 752 8.13 21.31 -15.74
N LEU A 753 7.38 21.71 -14.71
CA LEU A 753 7.76 21.38 -13.35
C LEU A 753 7.52 19.91 -13.03
N ILE A 754 6.45 19.33 -13.56
CA ILE A 754 6.07 17.96 -13.22
C ILE A 754 7.06 17.01 -13.90
N PRO A 755 7.27 15.81 -13.37
CA PRO A 755 8.28 14.91 -13.94
C PRO A 755 7.94 14.49 -15.36
N GLN A 756 8.99 14.16 -16.12
CA GLN A 756 8.81 13.80 -17.53
C GLN A 756 7.96 12.56 -17.70
N TYR A 757 8.03 11.62 -16.75
CA TYR A 757 7.24 10.40 -16.85
C TYR A 757 5.74 10.72 -16.86
N LEU A 758 5.32 11.64 -15.98
CA LEU A 758 3.90 12.00 -15.92
C LEU A 758 3.46 12.71 -17.20
N ARG A 759 4.31 13.57 -17.74
CA ARG A 759 3.99 14.24 -19.00
C ARG A 759 3.85 13.22 -20.14
N PHE A 760 4.77 12.26 -20.21
CA PHE A 760 4.67 11.23 -21.23
C PHE A 760 3.41 10.39 -21.06
N LEU A 761 3.09 10.03 -19.81
CA LEU A 761 1.87 9.28 -19.54
C LEU A 761 0.63 10.04 -19.99
N GLN A 762 0.56 11.33 -19.66
CA GLN A 762 -0.60 12.13 -20.03
C GLN A 762 -0.71 12.27 -21.54
N GLU A 763 0.42 12.49 -22.23
CA GLU A 763 0.39 12.60 -23.68
C GLU A 763 -0.05 11.30 -24.32
N TRP A 764 0.48 10.17 -23.85
CA TRP A 764 0.10 8.88 -24.41
C TRP A 764 -1.38 8.59 -24.17
N VAL A 765 -1.87 8.92 -22.98
CA VAL A 765 -3.28 8.65 -22.66
C VAL A 765 -4.20 9.54 -23.49
N GLU A 766 -3.81 10.80 -23.72
CA GLU A 766 -4.66 11.65 -24.54
C GLU A 766 -4.61 11.24 -26.01
N HIS A 767 -3.49 10.70 -26.48
CA HIS A 767 -3.44 10.13 -27.83
C HIS A 767 -4.35 8.92 -27.93
N PHE A 768 -4.29 8.04 -26.93
CA PHE A 768 -5.17 6.86 -26.91
C PHE A 768 -6.63 7.28 -26.86
N CYS A 769 -6.94 8.34 -26.10
CA CYS A 769 -8.29 8.88 -26.13
C CYS A 769 -8.69 9.45 -27.48
N LYS A 770 -7.78 10.12 -28.17
CA LYS A 770 -8.12 10.61 -29.50
C LYS A 770 -8.51 9.46 -30.40
N GLN A 771 -7.71 8.39 -30.40
CA GLN A 771 -8.04 7.21 -31.20
C GLN A 771 -9.35 6.57 -30.75
N ARG A 772 -9.54 6.45 -29.43
CA ARG A 772 -10.74 5.79 -28.91
C ARG A 772 -12.00 6.58 -29.24
N GLN A 773 -11.94 7.91 -29.14
CA GLN A 773 -13.08 8.73 -29.53
C GLN A 773 -13.37 8.59 -31.01
N GLU A 774 -12.33 8.60 -31.84
CA GLU A 774 -12.55 8.42 -33.27
C GLU A 774 -13.18 7.07 -33.58
N LYS A 775 -12.85 6.04 -32.80
CA LYS A 775 -13.41 4.71 -33.03
C LYS A 775 -14.75 4.48 -32.35
N VAL A 776 -15.12 5.31 -31.37
CA VAL A 776 -16.35 5.09 -30.61
C VAL A 776 -17.48 6.03 -31.01
N LYS A 777 -17.18 7.16 -31.65
CA LYS A 777 -18.24 8.06 -32.11
C LYS A 777 -19.29 7.37 -32.97
N PRO A 778 -18.94 6.53 -33.96
CA PRO A 778 -19.98 5.79 -34.69
C PRO A 778 -20.82 4.89 -33.80
N VAL A 779 -20.22 4.30 -32.76
CA VAL A 779 -20.98 3.43 -31.87
C VAL A 779 -22.01 4.23 -31.08
N ILE A 780 -21.59 5.35 -30.49
CA ILE A 780 -22.48 6.13 -29.65
C ILE A 780 -23.54 6.84 -30.50
N GLU A 781 -23.24 7.13 -31.76
CA GLU A 781 -24.20 7.81 -32.63
C GLU A 781 -25.14 6.85 -33.33
N ASN A 782 -25.03 5.54 -33.08
CA ASN A 782 -25.84 4.56 -33.80
C ASN A 782 -26.83 3.82 -32.91
N CYS A 783 -26.39 3.20 -31.82
CA CYS A 783 -27.27 2.41 -30.98
C CYS A 783 -27.45 3.04 -29.60
N LYS A 784 -27.66 4.35 -29.58
CA LYS A 784 -27.95 5.03 -28.32
C LYS A 784 -29.38 4.73 -27.85
N SER A 785 -30.29 4.43 -28.79
CA SER A 785 -31.68 4.18 -28.42
C SER A 785 -31.83 2.97 -27.52
N CYS A 786 -30.91 2.01 -27.58
CA CYS A 786 -30.97 0.82 -26.76
C CYS A 786 -30.19 0.95 -25.45
N LYS A 787 -29.64 2.12 -25.17
CA LYS A 787 -28.89 2.34 -23.93
C LYS A 787 -29.78 2.21 -22.70
N GLU A 796 -33.55 -7.66 -36.61
CA GLU A 796 -32.39 -7.65 -35.71
C GLU A 796 -31.62 -6.33 -35.83
N CYS A 797 -30.32 -6.45 -36.12
CA CYS A 797 -29.47 -5.27 -36.29
C CYS A 797 -28.35 -5.66 -37.26
N LYS A 798 -28.51 -5.24 -38.52
CA LYS A 798 -27.55 -5.63 -39.57
C LYS A 798 -26.17 -5.06 -39.27
N THR A 799 -26.04 -3.74 -39.31
CA THR A 799 -24.78 -3.09 -39.01
C THR A 799 -24.98 -1.85 -38.15
N GLU A 800 -26.16 -1.66 -37.57
CA GLU A 800 -26.41 -0.46 -36.78
C GLU A 800 -25.50 -0.40 -35.57
N CYS A 801 -25.43 -1.49 -34.79
CA CYS A 801 -24.62 -1.51 -33.59
C CYS A 801 -23.86 -2.81 -33.39
N LYS A 802 -24.22 -3.88 -34.09
CA LYS A 802 -23.48 -5.13 -34.00
C LYS A 802 -22.09 -5.01 -34.60
N ASN A 803 -21.94 -4.26 -35.69
CA ASN A 803 -20.67 -4.20 -36.40
C ASN A 803 -19.74 -3.13 -35.84
N LYS A 804 -20.27 -1.94 -35.54
CA LYS A 804 -19.42 -0.86 -35.04
C LYS A 804 -18.80 -1.23 -33.70
N CYS A 805 -19.58 -1.82 -32.80
CA CYS A 805 -19.02 -2.27 -31.53
C CYS A 805 -17.99 -3.37 -31.72
N GLU A 806 -18.15 -4.21 -32.76
CA GLU A 806 -17.14 -5.19 -33.07
C GLU A 806 -15.82 -4.52 -33.46
N VAL A 807 -15.91 -3.44 -34.25
CA VAL A 807 -14.71 -2.69 -34.62
C VAL A 807 -14.08 -2.06 -33.38
N TYR A 808 -14.89 -1.51 -32.49
CA TYR A 808 -14.34 -0.93 -31.26
C TYR A 808 -13.65 -1.98 -30.41
N LYS A 809 -14.26 -3.16 -30.29
CA LYS A 809 -13.65 -4.24 -29.52
C LYS A 809 -12.34 -4.69 -30.16
N LYS A 810 -12.30 -4.77 -31.49
CA LYS A 810 -11.06 -5.12 -32.18
C LYS A 810 -9.99 -4.08 -31.91
N PHE A 811 -10.36 -2.79 -31.91
CA PHE A 811 -9.40 -1.74 -31.61
C PHE A 811 -8.86 -1.86 -30.19
N ILE A 812 -9.76 -2.02 -29.22
CA ILE A 812 -9.33 -2.10 -27.83
C ILE A 812 -8.61 -3.42 -27.55
N GLU A 813 -9.16 -4.52 -28.03
CA GLU A 813 -8.61 -5.85 -27.79
C GLU A 813 -7.91 -6.33 -29.04
N ASP A 814 -6.59 -6.12 -29.10
CA ASP A 814 -5.79 -6.60 -30.22
C ASP A 814 -4.35 -6.72 -29.75
N CYS A 815 -3.76 -7.90 -29.91
CA CYS A 815 -2.37 -8.10 -29.50
C CYS A 815 -1.42 -7.23 -30.31
N LYS A 816 -1.79 -6.89 -31.54
CA LYS A 816 -0.98 -5.99 -32.34
C LYS A 816 -0.96 -4.58 -31.74
N GLY A 817 -2.02 -4.20 -31.02
CA GLY A 817 -2.06 -2.92 -30.37
C GLY A 817 -2.59 -1.80 -31.25
N GLY A 818 -1.68 -1.01 -31.81
CA GLY A 818 -2.08 0.11 -32.64
C GLY A 818 -0.96 1.13 -32.69
N ASP A 819 -1.36 2.37 -32.97
CA ASP A 819 -0.38 3.47 -33.03
C ASP A 819 0.10 3.87 -31.64
N GLY A 820 -0.77 3.72 -30.63
CA GLY A 820 -0.37 4.10 -29.28
C GLY A 820 0.73 3.22 -28.72
N THR A 821 0.62 1.91 -28.91
CA THR A 821 1.60 0.98 -28.37
C THR A 821 2.66 0.66 -29.43
N ALA A 822 3.53 -0.30 -29.14
CA ALA A 822 4.61 -0.70 -30.04
C ALA A 822 4.66 -2.21 -30.16
N GLY A 823 3.50 -2.83 -30.35
CA GLY A 823 3.43 -4.28 -30.51
C GLY A 823 2.92 -5.01 -29.29
N SER A 824 1.95 -4.42 -28.60
CA SER A 824 1.35 -5.05 -27.43
C SER A 824 -0.03 -4.45 -27.21
N SER A 825 -0.85 -5.20 -26.48
CA SER A 825 -2.22 -4.75 -26.20
C SER A 825 -2.20 -3.57 -25.25
N TRP A 826 -3.29 -2.80 -25.27
CA TRP A 826 -3.38 -1.62 -24.42
C TRP A 826 -3.36 -2.00 -22.94
N VAL A 827 -3.91 -3.16 -22.60
CA VAL A 827 -3.97 -3.56 -21.20
C VAL A 827 -2.58 -3.81 -20.64
N LYS A 828 -1.71 -4.48 -21.39
CA LYS A 828 -0.35 -4.73 -20.92
C LYS A 828 0.43 -3.43 -20.76
N ARG A 829 0.29 -2.51 -21.71
CA ARG A 829 0.97 -1.23 -21.61
C ARG A 829 0.47 -0.44 -20.41
N TRP A 830 -0.84 -0.46 -20.17
CA TRP A 830 -1.39 0.22 -19.00
C TRP A 830 -0.90 -0.42 -17.71
N ASP A 831 -0.76 -1.75 -17.69
CA ASP A 831 -0.24 -2.43 -16.52
C ASP A 831 1.20 -2.01 -16.25
N GLN A 832 2.01 -1.89 -17.30
CA GLN A 832 3.39 -1.42 -17.13
C GLN A 832 3.43 0.01 -16.61
N ILE A 833 2.55 0.88 -17.14
CA ILE A 833 2.46 2.25 -16.63
C ILE A 833 2.11 2.25 -15.16
N TYR A 834 1.13 1.44 -14.77
CA TYR A 834 0.73 1.36 -13.37
C TYR A 834 1.87 0.87 -12.50
N LYS A 835 2.62 -0.13 -12.98
CA LYS A 835 3.75 -0.64 -12.20
C LYS A 835 4.79 0.44 -11.97
N ARG A 836 5.13 1.20 -13.01
CA ARG A 836 6.12 2.26 -12.83
C ARG A 836 5.60 3.36 -11.90
N TYR A 837 4.33 3.73 -12.04
CA TYR A 837 3.76 4.77 -11.19
C TYR A 837 3.74 4.33 -9.72
N SER A 838 3.38 3.06 -9.48
CA SER A 838 3.41 2.55 -8.11
C SER A 838 4.83 2.47 -7.58
N LYS A 839 5.80 2.18 -8.44
CA LYS A 839 7.19 2.19 -7.99
C LYS A 839 7.62 3.58 -7.56
N TYR A 840 7.25 4.60 -8.34
CA TYR A 840 7.47 5.98 -7.90
C TYR A 840 6.78 6.28 -6.57
N ILE A 841 5.53 5.86 -6.42
CA ILE A 841 4.79 6.17 -5.21
C ILE A 841 5.47 5.55 -4.00
N GLU A 842 5.85 4.28 -4.10
CA GLU A 842 6.51 3.60 -2.99
C GLU A 842 7.89 4.19 -2.71
N ASP A 843 8.64 4.54 -3.76
CA ASP A 843 9.96 5.13 -3.54
C ASP A 843 9.86 6.48 -2.85
N ALA A 844 8.86 7.28 -3.21
CA ALA A 844 8.70 8.58 -2.56
C ALA A 844 8.14 8.44 -1.15
N LYS A 845 7.34 7.40 -0.90
CA LYS A 845 6.80 7.19 0.43
C LYS A 845 7.84 6.64 1.40
N ARG A 846 8.79 5.83 0.90
CA ARG A 846 9.80 5.26 1.77
C ARG A 846 10.81 6.30 2.24
N ASN A 847 11.13 7.27 1.40
CA ASN A 847 12.14 8.27 1.72
C ASN A 847 11.62 9.19 2.81
N ARG A 848 12.08 8.96 4.05
CA ARG A 848 11.70 9.76 5.21
C ARG A 848 12.29 11.19 5.15
N LYS A 849 13.22 11.45 4.24
CA LYS A 849 13.73 12.79 4.04
C LYS A 849 12.57 13.77 3.88
N ALA A 850 12.72 14.97 4.47
CA ALA A 850 11.62 15.90 4.68
C ALA A 850 10.64 15.96 3.51
N GLY A 851 11.16 16.06 2.29
CA GLY A 851 10.31 16.05 1.11
C GLY A 851 9.31 17.18 1.08
N THR A 852 8.02 16.85 1.15
CA THR A 852 6.98 17.86 1.12
C THR A 852 7.01 18.71 2.38
N LYS A 853 6.33 19.86 2.31
CA LYS A 853 6.18 20.78 3.43
C LYS A 853 7.54 21.25 3.96
N ASN A 854 8.27 21.93 3.08
CA ASN A 854 9.55 22.55 3.43
C ASN A 854 9.50 24.01 3.02
N CYS A 855 9.27 24.90 3.98
CA CYS A 855 9.17 26.32 3.70
C CYS A 855 10.54 26.87 3.32
N GLY A 856 10.61 27.54 2.17
CA GLY A 856 11.85 28.12 1.69
C GLY A 856 11.67 29.48 1.07
N ASN A 866 4.88 29.65 1.81
CA ASN A 866 3.86 28.71 2.22
C ASN A 866 4.40 27.28 2.25
N LYS A 867 3.68 26.35 1.63
CA LYS A 867 4.11 24.95 1.60
C LYS A 867 5.43 24.81 0.85
N CYS A 868 5.51 25.34 -0.37
CA CYS A 868 6.74 25.43 -1.16
C CYS A 868 7.47 24.09 -1.23
N VAL A 869 6.79 23.11 -1.85
CA VAL A 869 7.44 21.83 -2.07
C VAL A 869 8.57 21.99 -3.08
N GLN A 870 9.75 21.46 -2.75
CA GLN A 870 10.93 21.70 -3.55
C GLN A 870 10.83 20.97 -4.89
N SER A 871 11.62 21.46 -5.86
CA SER A 871 11.59 20.96 -7.23
C SER A 871 12.35 19.64 -7.28
N ASP A 872 11.64 18.56 -6.97
CA ASP A 872 12.20 17.22 -7.03
C ASP A 872 11.09 16.24 -7.32
N ILE A 873 11.46 15.10 -7.91
CA ILE A 873 10.48 14.05 -8.21
C ILE A 873 9.91 13.48 -6.92
N ASP A 874 10.77 13.24 -5.93
CA ASP A 874 10.31 12.67 -4.67
C ASP A 874 9.34 13.62 -3.95
N SER A 875 9.66 14.92 -3.95
CA SER A 875 8.76 15.89 -3.32
C SER A 875 7.42 15.97 -4.05
N PHE A 876 7.47 15.94 -5.39
CA PHE A 876 6.22 16.00 -6.15
C PHE A 876 5.36 14.77 -5.88
N PHE A 877 5.96 13.59 -5.80
CA PHE A 877 5.16 12.40 -5.53
C PHE A 877 4.69 12.34 -4.08
N LYS A 878 5.45 12.93 -3.15
CA LYS A 878 4.96 13.08 -1.79
C LYS A 878 3.73 13.98 -1.77
N HIS A 879 3.76 15.07 -2.55
CA HIS A 879 2.59 15.94 -2.66
C HIS A 879 1.41 15.19 -3.26
N LEU A 880 1.67 14.39 -4.29
CA LEU A 880 0.60 13.60 -4.91
C LEU A 880 -0.01 12.61 -3.93
N ILE A 881 0.84 11.96 -3.11
CA ILE A 881 0.34 11.06 -2.08
C ILE A 881 -0.49 11.82 -1.06
N ASP A 882 -0.04 13.02 -0.68
CA ASP A 882 -0.79 13.83 0.27
C ASP A 882 -2.17 14.18 -0.27
N ILE A 883 -2.25 14.51 -1.57
CA ILE A 883 -3.55 14.73 -2.20
C ILE A 883 -4.37 13.44 -2.17
N GLY A 884 -3.73 12.32 -2.48
CA GLY A 884 -4.41 11.05 -2.65
C GLY A 884 -4.29 10.47 -4.05
N LEU A 885 -3.62 11.18 -4.96
CA LEU A 885 -3.50 10.76 -6.36
C LEU A 885 -2.40 9.71 -6.48
N THR A 886 -2.69 8.54 -5.92
CA THR A 886 -1.71 7.46 -5.79
C THR A 886 -1.88 6.38 -6.85
N THR A 887 -2.39 6.73 -8.03
CA THR A 887 -2.57 5.77 -9.11
C THR A 887 -2.70 6.54 -10.42
N PRO A 888 -2.31 5.93 -11.55
CA PRO A 888 -2.55 6.58 -12.85
C PRO A 888 -4.02 6.83 -13.12
N SER A 889 -4.91 5.98 -12.61
CA SER A 889 -6.34 6.16 -12.85
C SER A 889 -6.82 7.51 -12.33
N SER A 890 -6.68 7.73 -11.02
CA SER A 890 -7.16 8.98 -10.43
C SER A 890 -6.37 10.18 -10.92
N TYR A 891 -5.05 10.00 -11.10
CA TYR A 891 -4.24 11.11 -11.59
C TYR A 891 -4.71 11.56 -12.98
N LEU A 892 -4.96 10.61 -13.87
CA LEU A 892 -5.45 10.96 -15.19
C LEU A 892 -6.87 11.51 -15.14
N SER A 893 -7.69 11.01 -14.20
CA SER A 893 -9.02 11.57 -14.02
C SER A 893 -8.97 13.03 -13.61
N ILE A 894 -7.95 13.42 -12.84
CA ILE A 894 -7.88 14.79 -12.32
C ILE A 894 -7.06 15.73 -13.19
N VAL A 895 -6.19 15.20 -14.06
CA VAL A 895 -5.35 16.07 -14.88
C VAL A 895 -5.87 16.21 -16.31
N LEU A 896 -6.59 15.22 -16.82
CA LEU A 896 -7.09 15.28 -18.19
C LEU A 896 -8.27 16.23 -18.28
N ASP A 897 -8.66 16.54 -19.52
CA ASP A 897 -9.79 17.42 -19.78
C ASP A 897 -11.09 16.64 -19.60
N ASP A 898 -12.21 17.28 -19.93
CA ASP A 898 -13.53 16.66 -19.82
C ASP A 898 -14.12 16.44 -21.21
N ASN A 899 -14.79 15.31 -21.38
CA ASN A 899 -15.39 14.92 -22.65
C ASN A 899 -14.35 14.97 -23.77
N ILE A 900 -13.21 14.37 -23.49
CA ILE A 900 -12.10 14.27 -24.43
C ILE A 900 -12.01 12.85 -24.95
N CYS A 901 -12.49 11.89 -24.15
CA CYS A 901 -12.43 10.47 -24.53
C CYS A 901 -13.75 9.79 -24.85
N GLY A 902 -14.71 10.49 -25.42
CA GLY A 902 -15.97 9.85 -25.77
C GLY A 902 -17.28 10.52 -25.38
N ALA A 903 -18.27 10.38 -26.25
CA ALA A 903 -19.59 10.96 -26.05
C ALA A 903 -20.31 10.30 -24.89
N ASP A 904 -19.94 9.08 -24.53
CA ASP A 904 -20.37 8.45 -23.30
C ASP A 904 -19.37 8.79 -22.20
N LYS A 905 -19.90 9.17 -21.03
CA LYS A 905 -19.05 9.58 -19.92
C LYS A 905 -18.34 8.35 -19.37
N ALA A 906 -17.09 8.15 -19.77
CA ALA A 906 -16.27 7.01 -19.34
C ALA A 906 -15.25 7.50 -18.32
N PRO A 907 -15.53 7.41 -17.04
CA PRO A 907 -14.56 7.87 -16.03
C PRO A 907 -13.31 7.01 -16.01
N TRP A 908 -12.20 7.64 -15.64
CA TRP A 908 -10.94 6.93 -15.46
C TRP A 908 -10.80 6.32 -14.08
N THR A 909 -11.83 6.43 -13.23
CA THR A 909 -11.80 5.89 -11.88
C THR A 909 -12.60 4.62 -11.74
N THR A 910 -13.78 4.54 -12.34
CA THR A 910 -14.64 3.37 -12.21
C THR A 910 -14.06 2.23 -13.02
N TYR A 911 -13.41 1.28 -12.35
CA TYR A 911 -12.88 0.11 -13.02
C TYR A 911 -14.01 -0.78 -13.50
N THR A 912 -13.86 -1.30 -14.72
CA THR A 912 -14.81 -2.23 -15.31
C THR A 912 -14.12 -3.56 -15.58
N THR A 913 -14.89 -4.63 -15.49
CA THR A 913 -14.39 -5.99 -15.62
C THR A 913 -14.91 -6.62 -16.90
N TYR A 914 -14.08 -7.43 -17.54
CA TYR A 914 -14.47 -8.09 -18.78
C TYR A 914 -13.63 -9.33 -18.99
N THR A 915 -14.16 -10.24 -19.81
CA THR A 915 -13.46 -11.47 -20.18
C THR A 915 -12.93 -11.34 -21.61
N THR A 916 -11.62 -11.48 -21.76
CA THR A 916 -10.98 -11.33 -23.06
C THR A 916 -11.29 -12.52 -23.96
N THR A 917 -11.40 -12.25 -25.26
CA THR A 917 -11.61 -13.28 -26.26
C THR A 917 -10.48 -13.39 -27.27
N GLU A 918 -9.61 -12.39 -27.35
CA GLU A 918 -8.46 -12.41 -28.25
C GLU A 918 -7.23 -12.92 -27.49
N LYS A 919 -6.10 -12.94 -28.21
CA LYS A 919 -4.85 -13.37 -27.59
C LYS A 919 -4.41 -12.42 -26.48
N CYS A 920 -4.59 -11.11 -26.70
CA CYS A 920 -4.22 -10.09 -25.72
C CYS A 920 -2.75 -10.20 -25.31
N ASN A 933 -6.60 -16.25 -26.10
CA ASN A 933 -6.08 -17.38 -25.33
C ASN A 933 -7.08 -17.80 -24.24
N THR A 934 -6.54 -18.16 -23.07
CA THR A 934 -7.38 -18.55 -21.95
C THR A 934 -8.25 -17.38 -21.50
N ALA A 935 -9.49 -17.68 -21.10
CA ALA A 935 -10.42 -16.64 -20.67
C ALA A 935 -10.05 -16.11 -19.30
N VAL A 936 -9.25 -15.05 -19.25
CA VAL A 936 -8.80 -14.45 -18.01
C VAL A 936 -9.58 -13.16 -17.79
N VAL A 937 -10.22 -13.05 -16.61
CA VAL A 937 -10.97 -11.85 -16.27
C VAL A 937 -9.99 -10.70 -16.04
N VAL A 938 -10.28 -9.55 -16.65
CA VAL A 938 -9.42 -8.38 -16.58
C VAL A 938 -10.24 -7.21 -16.08
N ASN A 939 -9.70 -6.47 -15.11
CA ASN A 939 -10.30 -5.24 -14.61
C ASN A 939 -9.43 -4.06 -15.06
N VAL A 940 -10.02 -3.15 -15.81
CA VAL A 940 -9.30 -2.01 -16.37
C VAL A 940 -10.18 -0.77 -16.25
N PRO A 941 -9.58 0.42 -16.28
CA PRO A 941 -10.38 1.64 -16.27
C PRO A 941 -11.31 1.69 -17.48
N SER A 942 -12.43 2.39 -17.31
CA SER A 942 -13.52 2.35 -18.29
C SER A 942 -13.09 2.67 -19.72
N PRO A 943 -12.25 3.67 -19.99
CA PRO A 943 -11.84 3.90 -21.39
C PRO A 943 -11.14 2.70 -22.04
N LEU A 944 -10.50 1.85 -21.25
CA LEU A 944 -9.85 0.65 -21.76
C LEU A 944 -10.76 -0.56 -21.76
N GLY A 945 -12.05 -0.38 -21.47
CA GLY A 945 -12.96 -1.49 -21.36
C GLY A 945 -13.24 -2.16 -22.69
N ASN A 946 -13.85 -3.34 -22.60
CA ASN A 946 -14.15 -4.13 -23.79
C ASN A 946 -15.16 -3.41 -24.68
N THR A 947 -16.16 -2.78 -24.09
CA THR A 947 -17.24 -2.10 -24.79
C THR A 947 -17.39 -0.71 -24.21
N PRO A 948 -18.03 0.21 -24.93
CA PRO A 948 -18.20 1.57 -24.41
C PRO A 948 -18.92 1.56 -23.07
N HIS A 949 -18.49 2.47 -22.18
CA HIS A 949 -19.03 2.51 -20.83
C HIS A 949 -20.54 2.71 -20.86
N GLY A 950 -21.25 1.90 -20.07
CA GLY A 950 -22.70 1.92 -20.07
C GLY A 950 -23.35 1.12 -21.17
N TYR A 951 -22.57 0.43 -22.01
CA TYR A 951 -23.11 -0.36 -23.11
C TYR A 951 -22.93 -1.86 -22.89
N LYS A 952 -22.65 -2.28 -21.66
CA LYS A 952 -22.63 -3.71 -21.36
C LYS A 952 -24.00 -4.31 -21.59
N TYR A 953 -24.02 -5.50 -22.20
CA TYR A 953 -25.23 -6.22 -22.60
C TYR A 953 -26.26 -5.30 -23.26
N ALA A 954 -25.78 -4.28 -23.97
CA ALA A 954 -26.63 -3.40 -24.76
C ALA A 954 -26.12 -3.21 -26.18
N CYS A 955 -24.88 -3.59 -26.47
CA CYS A 955 -24.36 -3.55 -27.83
C CYS A 955 -24.68 -4.81 -28.62
N GLN A 956 -24.97 -5.91 -27.94
CA GLN A 956 -25.34 -7.17 -28.59
C GLN A 956 -26.80 -7.20 -29.03
N CYS A 957 -27.47 -6.04 -29.06
CA CYS A 957 -28.87 -5.93 -29.47
C CYS A 957 -29.77 -6.80 -28.59
N LYS A 958 -29.77 -6.48 -27.30
CA LYS A 958 -30.58 -7.21 -26.33
C LYS A 958 -31.02 -6.24 -25.23
N ILE A 959 -32.29 -6.36 -24.85
CA ILE A 959 -32.83 -5.52 -23.77
C ILE A 959 -32.15 -5.87 -22.46
N PRO A 960 -31.77 -4.90 -21.64
CA PRO A 960 -31.16 -5.23 -20.34
C PRO A 960 -32.14 -5.96 -19.44
N THR A 961 -31.85 -7.23 -19.18
CA THR A 961 -32.69 -8.06 -18.34
C THR A 961 -32.48 -7.69 -16.87
N ASN A 962 -33.55 -7.78 -16.09
CA ASN A 962 -33.46 -7.51 -14.65
C ASN A 962 -32.44 -8.42 -13.98
N GLU A 963 -32.37 -9.68 -14.43
CA GLU A 963 -31.36 -10.60 -13.90
C GLU A 963 -29.95 -10.10 -14.19
N GLU A 964 -29.71 -9.60 -15.41
CA GLU A 964 -28.40 -9.07 -15.73
C GLU A 964 -28.07 -7.82 -14.91
N THR A 965 -29.07 -6.95 -14.70
CA THR A 965 -28.84 -5.76 -13.89
C THR A 965 -28.49 -6.14 -12.45
N CYS A 966 -29.17 -7.13 -11.90
CA CYS A 966 -28.82 -7.62 -10.57
C CYS A 966 -27.43 -8.26 -10.57
N ASP A 967 -27.07 -8.96 -11.64
CA ASP A 967 -25.77 -9.62 -11.71
C ASP A 967 -24.63 -8.60 -11.78
N ASP A 968 -24.88 -7.44 -12.39
CA ASP A 968 -23.86 -6.41 -12.52
C ASP A 968 -24.06 -5.26 -11.55
N ARG A 969 -24.93 -5.40 -10.56
CA ARG A 969 -25.09 -4.40 -9.52
C ARG A 969 -24.21 -4.66 -8.29
N LYS A 970 -23.54 -5.81 -8.26
CA LYS A 970 -22.64 -6.18 -7.15
C LYS A 970 -23.33 -6.11 -5.80
N GLU A 971 -24.57 -6.60 -5.74
CA GLU A 971 -25.31 -6.66 -4.48
C GLU A 971 -26.31 -7.80 -4.57
N TYR A 972 -26.57 -8.42 -3.41
CA TYR A 972 -27.46 -9.57 -3.31
C TYR A 972 -27.02 -10.70 -4.24
N MET A 973 -25.79 -11.16 -4.00
CA MET A 973 -25.21 -12.26 -4.76
C MET A 973 -25.39 -13.59 -4.03
N ASN A 974 -25.79 -14.61 -4.78
CA ASN A 974 -25.87 -15.97 -4.29
C ASN A 974 -25.00 -16.82 -5.21
N GLN A 975 -23.71 -16.93 -4.86
CA GLN A 975 -22.72 -17.58 -5.71
C GLN A 975 -22.93 -19.09 -5.68
N TRP A 976 -23.90 -19.55 -6.47
CA TRP A 976 -24.16 -20.97 -6.62
C TRP A 976 -24.64 -21.22 -8.05
N SER A 977 -23.89 -22.02 -8.80
CA SER A 977 -24.13 -22.16 -10.23
C SER A 977 -25.41 -22.93 -10.53
N CYS A 978 -25.75 -23.92 -9.71
CA CYS A 978 -26.94 -24.76 -9.92
C CYS A 978 -26.90 -25.42 -11.30
N GLY A 979 -25.89 -26.29 -11.47
CA GLY A 979 -25.68 -26.93 -12.76
C GLY A 979 -26.86 -27.79 -13.18
N SER A 980 -27.41 -28.56 -12.25
CA SER A 980 -28.53 -29.43 -12.56
C SER A 980 -29.76 -29.06 -11.74
N ASP A 991 -32.95 -39.55 -11.76
CA ASP A 991 -32.20 -40.51 -10.96
C ASP A 991 -30.90 -39.91 -10.45
N ASN A 992 -30.23 -39.12 -11.29
CA ASN A 992 -28.99 -38.49 -10.89
C ASN A 992 -29.26 -37.35 -9.90
N TYR A 993 -28.23 -37.04 -9.11
CA TYR A 993 -28.34 -35.99 -8.11
C TYR A 993 -28.21 -34.63 -8.79
N GLU A 994 -29.21 -33.78 -8.61
CA GLU A 994 -29.19 -32.43 -9.18
C GLU A 994 -28.26 -31.58 -8.33
N LEU A 995 -26.97 -31.63 -8.64
CA LEU A 995 -25.95 -31.00 -7.83
C LEU A 995 -26.06 -29.47 -7.89
N CYS A 996 -25.88 -28.84 -6.74
CA CYS A 996 -25.78 -27.38 -6.66
C CYS A 996 -24.30 -26.98 -6.63
N LYS A 997 -23.66 -27.18 -7.79
CA LYS A 997 -22.22 -26.95 -7.90
C LYS A 997 -21.89 -25.47 -7.73
N TYR A 998 -20.77 -25.20 -7.06
CA TYR A 998 -20.31 -23.83 -6.88
C TYR A 998 -19.75 -23.29 -8.19
N ASN A 999 -19.87 -21.98 -8.37
CA ASN A 999 -19.35 -21.35 -9.58
C ASN A 999 -17.83 -21.47 -9.67
N GLY A 1000 -17.14 -21.26 -8.55
CA GLY A 1000 -15.68 -21.28 -8.55
C GLY A 1000 -15.08 -22.63 -8.84
N VAL A 1001 -15.28 -23.59 -7.93
CA VAL A 1001 -14.70 -24.92 -8.05
C VAL A 1001 -15.74 -25.86 -8.64
N ASP A 1002 -15.27 -26.83 -9.42
CA ASP A 1002 -16.12 -27.83 -10.04
C ASP A 1002 -15.86 -29.19 -9.41
N VAL A 1003 -16.76 -30.13 -9.70
CA VAL A 1003 -16.65 -31.47 -9.14
C VAL A 1003 -15.43 -32.18 -9.72
N LYS A 1004 -14.62 -32.78 -8.86
CA LYS A 1004 -13.44 -33.52 -9.29
C LYS A 1004 -13.53 -34.99 -8.89
N LEU A 1015 -21.01 -46.78 0.31
CA LEU A 1015 -21.43 -45.52 -0.28
C LEU A 1015 -20.52 -45.16 -1.45
N ASP A 1016 -21.12 -44.70 -2.55
CA ASP A 1016 -20.39 -44.39 -3.76
C ASP A 1016 -19.76 -42.99 -3.64
N ASP A 1017 -19.16 -42.52 -4.74
CA ASP A 1017 -18.60 -41.18 -4.75
C ASP A 1017 -19.66 -40.11 -4.98
N LYS A 1018 -20.67 -40.43 -5.78
CA LYS A 1018 -21.68 -39.44 -6.14
C LYS A 1018 -22.42 -38.93 -4.91
N ASP A 1019 -22.87 -39.85 -4.05
CA ASP A 1019 -23.70 -39.44 -2.92
C ASP A 1019 -22.88 -38.69 -1.86
N VAL A 1020 -21.62 -39.08 -1.65
CA VAL A 1020 -20.79 -38.36 -0.68
C VAL A 1020 -20.44 -36.97 -1.19
N THR A 1021 -20.14 -36.85 -2.50
CA THR A 1021 -19.90 -35.53 -3.07
C THR A 1021 -21.15 -34.66 -2.95
N PHE A 1022 -22.32 -35.24 -3.22
CA PHE A 1022 -23.57 -34.49 -3.08
C PHE A 1022 -23.79 -34.09 -1.62
N PHE A 1023 -23.47 -34.96 -0.67
CA PHE A 1023 -23.66 -34.63 0.73
C PHE A 1023 -22.76 -33.46 1.14
N ASN A 1024 -21.51 -33.47 0.71
CA ASN A 1024 -20.62 -32.36 1.03
C ASN A 1024 -21.11 -31.06 0.41
N LEU A 1025 -21.52 -31.12 -0.86
CA LEU A 1025 -22.04 -29.93 -1.52
C LEU A 1025 -23.31 -29.42 -0.83
N PHE A 1026 -24.19 -30.34 -0.42
CA PHE A 1026 -25.42 -29.95 0.24
C PHE A 1026 -25.16 -29.33 1.60
N GLU A 1027 -24.19 -29.87 2.35
CA GLU A 1027 -23.84 -29.27 3.64
C GLU A 1027 -23.30 -27.87 3.46
N GLN A 1028 -22.38 -27.68 2.50
CA GLN A 1028 -21.86 -26.35 2.25
C GLN A 1028 -22.95 -25.39 1.81
N TRP A 1029 -23.84 -25.84 0.93
CA TRP A 1029 -24.94 -25.00 0.46
C TRP A 1029 -25.86 -24.62 1.61
N ASN A 1030 -26.20 -25.58 2.46
CA ASN A 1030 -27.08 -25.29 3.59
C ASN A 1030 -26.46 -24.23 4.50
N LYS A 1031 -25.18 -24.41 4.85
CA LYS A 1031 -24.52 -23.46 5.73
C LYS A 1031 -24.48 -22.07 5.10
N GLU A 1032 -24.10 -21.99 3.82
CA GLU A 1032 -23.93 -20.69 3.19
C GLU A 1032 -25.28 -19.99 2.98
N ILE A 1033 -26.33 -20.74 2.63
CA ILE A 1033 -27.64 -20.13 2.47
C ILE A 1033 -28.19 -19.66 3.80
N GLN A 1034 -28.01 -20.43 4.87
CA GLN A 1034 -28.46 -19.95 6.17
C GLN A 1034 -27.73 -18.68 6.56
N TYR A 1035 -26.41 -18.64 6.36
CA TYR A 1035 -25.64 -17.44 6.69
C TYR A 1035 -26.11 -16.25 5.86
N GLN A 1036 -26.36 -16.46 4.57
CA GLN A 1036 -26.78 -15.37 3.71
C GLN A 1036 -28.15 -14.84 4.10
N ILE A 1037 -29.09 -15.75 4.43
CA ILE A 1037 -30.41 -15.31 4.86
C ILE A 1037 -30.32 -14.53 6.16
N GLU A 1038 -29.51 -15.00 7.11
CA GLU A 1038 -29.36 -14.27 8.36
C GLU A 1038 -28.74 -12.88 8.13
N GLN A 1039 -27.73 -12.81 7.26
CA GLN A 1039 -27.10 -11.53 6.97
C GLN A 1039 -28.07 -10.56 6.31
N TYR A 1040 -28.89 -11.07 5.38
CA TYR A 1040 -29.86 -10.19 4.72
C TYR A 1040 -31.01 -9.82 5.66
N MET A 1041 -31.29 -10.66 6.66
CA MET A 1041 -32.15 -10.22 7.75
C MET A 1041 -31.52 -9.05 8.50
N THR A 1042 -30.22 -9.15 8.78
CA THR A 1042 -29.51 -8.02 9.39
C THR A 1042 -29.47 -6.82 8.47
N ASN A 1043 -29.25 -7.04 7.18
CA ASN A 1043 -29.18 -5.97 6.20
C ASN A 1043 -30.58 -5.46 5.87
N ASN A 1083 -35.59 4.02 -4.78
CA ASN A 1083 -34.40 3.23 -4.51
C ASN A 1083 -34.77 1.81 -4.07
N CYS A 1084 -35.83 1.70 -3.26
CA CYS A 1084 -36.25 0.40 -2.76
C CYS A 1084 -36.83 -0.48 -3.87
N LYS A 1085 -37.26 0.12 -4.98
CA LYS A 1085 -37.89 -0.63 -6.07
C LYS A 1085 -36.95 -1.67 -6.64
N GLU A 1086 -35.86 -1.22 -7.28
CA GLU A 1086 -34.89 -2.15 -7.82
C GLU A 1086 -34.19 -2.94 -6.73
N LYS A 1087 -34.08 -2.35 -5.53
CA LYS A 1087 -33.50 -3.07 -4.39
C LYS A 1087 -34.25 -4.37 -4.12
N CYS A 1088 -35.56 -4.29 -3.94
CA CYS A 1088 -36.24 -5.55 -3.68
C CYS A 1088 -36.63 -6.28 -4.96
N LYS A 1089 -36.48 -5.67 -6.14
CA LYS A 1089 -36.50 -6.49 -7.36
C LYS A 1089 -35.36 -7.49 -7.33
N CYS A 1090 -34.14 -7.02 -7.06
CA CYS A 1090 -33.01 -7.92 -6.92
C CYS A 1090 -33.19 -8.84 -5.73
N TYR A 1091 -33.76 -8.33 -4.63
CA TYR A 1091 -34.00 -9.15 -3.44
C TYR A 1091 -34.97 -10.29 -3.74
N SER A 1092 -36.05 -10.00 -4.46
CA SER A 1092 -37.01 -11.05 -4.83
C SER A 1092 -36.42 -12.02 -5.83
N LEU A 1093 -35.54 -11.55 -6.72
CA LEU A 1093 -34.82 -12.47 -7.59
C LEU A 1093 -33.97 -13.44 -6.76
N TRP A 1094 -33.27 -12.91 -5.75
CA TRP A 1094 -32.47 -13.76 -4.88
C TRP A 1094 -33.34 -14.74 -4.11
N ILE A 1095 -34.50 -14.29 -3.63
CA ILE A 1095 -35.42 -15.17 -2.91
C ILE A 1095 -35.91 -16.29 -3.82
N GLU A 1096 -36.27 -15.95 -5.06
CA GLU A 1096 -36.71 -16.98 -6.00
C GLU A 1096 -35.59 -17.97 -6.28
N LYS A 1097 -34.36 -17.48 -6.44
CA LYS A 1097 -33.24 -18.38 -6.70
C LYS A 1097 -33.01 -19.32 -5.53
N ILE A 1098 -33.01 -18.80 -4.30
CA ILE A 1098 -32.75 -19.65 -3.16
C ILE A 1098 -33.92 -20.61 -2.90
N ASN A 1099 -35.15 -20.19 -3.23
CA ASN A 1099 -36.29 -21.09 -3.10
C ASN A 1099 -36.19 -22.24 -4.10
N ASP A 1100 -35.82 -21.94 -5.34
CA ASP A 1100 -35.60 -23.00 -6.32
C ASP A 1100 -34.48 -23.93 -5.89
N GLN A 1101 -33.40 -23.37 -5.34
CA GLN A 1101 -32.31 -24.19 -4.83
C GLN A 1101 -32.77 -25.08 -3.69
N TRP A 1102 -33.60 -24.54 -2.80
CA TRP A 1102 -34.10 -25.34 -1.68
C TRP A 1102 -34.99 -26.48 -2.17
N ASP A 1103 -35.85 -26.22 -3.16
CA ASP A 1103 -36.68 -27.28 -3.71
C ASP A 1103 -35.81 -28.36 -4.37
N LYS A 1104 -34.82 -27.94 -5.15
CA LYS A 1104 -33.93 -28.90 -5.79
C LYS A 1104 -33.17 -29.73 -4.76
N GLN A 1105 -32.71 -29.09 -3.68
CA GLN A 1105 -31.99 -29.81 -2.64
C GLN A 1105 -32.90 -30.74 -1.86
N LYS A 1106 -34.17 -30.37 -1.68
CA LYS A 1106 -35.13 -31.28 -1.06
C LYS A 1106 -35.31 -32.52 -1.92
N ASP A 1107 -35.48 -32.33 -3.23
CA ASP A 1107 -35.59 -33.48 -4.12
C ASP A 1107 -34.32 -34.33 -4.09
N ASN A 1108 -33.16 -33.67 -4.07
CA ASN A 1108 -31.89 -34.39 -4.05
C ASN A 1108 -31.73 -35.19 -2.76
N TYR A 1109 -32.15 -34.62 -1.62
CA TYR A 1109 -32.05 -35.35 -0.37
C TYR A 1109 -33.04 -36.51 -0.31
N ASN A 1110 -34.22 -36.34 -0.91
CA ASN A 1110 -35.14 -37.48 -1.03
C ASN A 1110 -34.51 -38.59 -1.86
N LYS A 1111 -33.85 -38.23 -2.96
CA LYS A 1111 -33.15 -39.23 -3.76
C LYS A 1111 -32.03 -39.89 -2.96
N PHE A 1112 -31.30 -39.11 -2.17
CA PHE A 1112 -30.23 -39.65 -1.34
C PHE A 1112 -30.78 -40.67 -0.34
N GLN A 1113 -31.88 -40.32 0.33
CA GLN A 1113 -32.48 -41.23 1.30
C GLN A 1113 -32.98 -42.50 0.62
N ARG A 1114 -33.63 -42.37 -0.54
CA ARG A 1114 -34.17 -43.55 -1.21
C ARG A 1114 -33.10 -44.39 -1.89
N LYS A 1115 -31.92 -43.83 -2.15
CA LYS A 1115 -30.84 -44.60 -2.77
C LYS A 1115 -29.90 -45.23 -1.77
N GLN A 1116 -29.67 -44.59 -0.62
CA GLN A 1116 -28.80 -45.17 0.39
C GLN A 1116 -29.37 -46.48 0.93
N ILE A 1117 -30.55 -46.40 1.57
CA ILE A 1117 -31.25 -47.53 2.19
C ILE A 1117 -30.32 -48.61 2.76
N LYS A 1128 -30.55 -46.60 8.40
CA LYS A 1128 -30.54 -45.70 7.25
C LYS A 1128 -29.91 -44.35 7.62
N VAL A 1129 -30.24 -43.32 6.85
CA VAL A 1129 -29.80 -41.96 7.14
C VAL A 1129 -30.93 -41.24 7.85
N VAL A 1130 -30.56 -40.28 8.71
CA VAL A 1130 -31.58 -39.51 9.41
C VAL A 1130 -32.45 -38.76 8.40
N SER A 1131 -33.66 -38.43 8.83
CA SER A 1131 -34.56 -37.69 7.96
C SER A 1131 -34.04 -36.28 7.73
N LEU A 1132 -34.60 -35.62 6.71
CA LEU A 1132 -34.15 -34.28 6.36
C LEU A 1132 -34.28 -33.33 7.54
N SER A 1133 -35.45 -33.34 8.20
CA SER A 1133 -35.67 -32.45 9.32
C SER A 1133 -34.70 -32.73 10.46
N ASN A 1134 -34.35 -34.00 10.68
CA ASN A 1134 -33.37 -34.33 11.71
C ASN A 1134 -32.01 -33.73 11.39
N PHE A 1135 -31.60 -33.80 10.12
CA PHE A 1135 -30.32 -33.20 9.74
C PHE A 1135 -30.34 -31.69 9.93
N LEU A 1136 -31.45 -31.03 9.57
CA LEU A 1136 -31.54 -29.59 9.80
C LEU A 1136 -31.54 -29.26 11.29
N PHE A 1137 -32.17 -30.09 12.11
CA PHE A 1137 -32.17 -29.83 13.56
C PHE A 1137 -30.75 -29.97 14.10
N PHE A 1138 -30.02 -30.98 13.63
CA PHE A 1138 -28.61 -31.12 13.96
C PHE A 1138 -27.81 -29.90 13.53
N SER A 1139 -28.09 -29.38 12.33
CA SER A 1139 -27.38 -28.20 11.85
C SER A 1139 -27.65 -26.99 12.73
N CYS A 1140 -28.91 -26.81 13.14
CA CYS A 1140 -29.25 -25.70 14.03
C CYS A 1140 -28.50 -25.81 15.35
N TRP A 1141 -28.47 -27.02 15.93
CA TRP A 1141 -27.74 -27.23 17.17
C TRP A 1141 -26.25 -26.93 16.98
N GLU A 1142 -25.68 -27.38 15.86
CA GLU A 1142 -24.25 -27.18 15.65
C GLU A 1142 -23.90 -25.71 15.45
N GLU A 1143 -24.72 -24.97 14.70
CA GLU A 1143 -24.44 -23.55 14.54
C GLU A 1143 -24.67 -22.78 15.84
N TYR A 1144 -25.58 -23.27 16.69
CA TYR A 1144 -25.71 -22.66 18.02
C TYR A 1144 -24.45 -22.91 18.85
N ILE A 1145 -24.00 -24.17 18.91
CA ILE A 1145 -22.83 -24.51 19.71
C ILE A 1145 -21.58 -23.84 19.15
N GLN A 1146 -21.40 -23.90 17.83
CA GLN A 1146 -20.25 -23.28 17.19
C GLN A 1146 -20.61 -21.93 16.60
N TYR A 1148 -21.70 -19.92 19.04
CA TYR A 1148 -20.96 -19.06 19.96
C TYR A 1148 -20.77 -19.73 21.31
N PHE A 1149 -21.80 -20.46 21.75
CA PHE A 1149 -21.76 -21.17 23.03
C PHE A 1149 -20.95 -22.46 22.84
N ASN A 1150 -19.63 -22.31 22.79
CA ASN A 1150 -18.76 -23.44 22.58
C ASN A 1150 -18.81 -24.39 23.78
N GLY A 1151 -18.85 -25.68 23.49
CA GLY A 1151 -18.90 -26.68 24.54
C GLY A 1151 -20.30 -26.86 25.12
N ASP A 1162 -33.46 -19.99 29.30
CA ASP A 1162 -32.05 -19.76 28.98
C ASP A 1162 -31.72 -20.32 27.60
N THR A 1163 -30.69 -21.17 27.54
CA THR A 1163 -30.29 -21.78 26.27
C THR A 1163 -31.38 -22.68 25.74
N PHE A 1164 -32.05 -23.43 26.62
CA PHE A 1164 -33.11 -24.35 26.19
C PHE A 1164 -34.23 -23.61 25.49
N GLU A 1165 -34.73 -22.53 26.09
CA GLU A 1165 -35.81 -21.77 25.49
C GLU A 1165 -35.37 -21.09 24.21
N PHE A 1166 -34.13 -20.57 24.17
CA PHE A 1166 -33.64 -19.92 22.96
C PHE A 1166 -33.53 -20.92 21.81
N LEU A 1167 -33.05 -22.13 22.09
CA LEU A 1167 -32.97 -23.15 21.05
C LEU A 1167 -34.36 -23.57 20.58
N ILE A 1168 -35.32 -23.66 21.51
CA ILE A 1168 -36.70 -23.95 21.10
C ILE A 1168 -37.23 -22.86 20.18
N LYS A 1169 -36.98 -21.60 20.54
CA LYS A 1169 -37.47 -20.48 19.73
C LYS A 1169 -36.83 -20.46 18.35
N LYS A 1170 -35.52 -20.72 18.27
CA LYS A 1170 -34.81 -20.60 17.01
C LYS A 1170 -35.25 -21.67 16.01
N CYS A 1171 -35.08 -22.93 16.37
CA CYS A 1171 -35.45 -24.04 15.51
C CYS A 1171 -36.38 -24.99 16.27
N GLY A 1172 -37.05 -25.85 15.52
CA GLY A 1172 -38.12 -26.67 16.07
C GLY A 1172 -37.61 -27.76 16.98
N ASN A 1173 -38.57 -28.55 17.47
CA ASN A 1173 -38.34 -29.62 18.42
C ASN A 1173 -38.91 -30.93 17.87
N ASP A 1174 -38.97 -31.94 18.72
CA ASP A 1174 -39.51 -33.25 18.35
C ASP A 1174 -40.89 -33.16 17.72
N GLU A 1179 -37.33 -28.84 8.80
CA GLU A 1179 -37.41 -28.46 7.40
C GLU A 1179 -38.33 -27.25 7.20
N THR A 1180 -39.26 -27.07 8.13
CA THR A 1180 -40.15 -25.92 8.07
C THR A 1180 -39.43 -24.61 8.38
N ILE A 1181 -38.24 -24.69 8.99
CA ILE A 1181 -37.56 -23.48 9.44
C ILE A 1181 -37.18 -22.60 8.26
N PHE A 1182 -36.71 -23.20 7.17
CA PHE A 1182 -36.49 -22.42 5.96
C PHE A 1182 -37.78 -21.84 5.40
N SER A 1183 -38.89 -22.57 5.48
CA SER A 1183 -40.15 -21.99 5.02
C SER A 1183 -40.46 -20.72 5.80
N GLU A 1184 -40.28 -20.76 7.13
CA GLU A 1184 -40.49 -19.58 7.94
C GLU A 1184 -39.49 -18.48 7.60
N LYS A 1185 -38.24 -18.86 7.33
CA LYS A 1185 -37.22 -17.86 7.02
C LYS A 1185 -37.50 -17.13 5.71
N LEU A 1186 -37.90 -17.88 4.67
CA LEU A 1186 -38.27 -17.26 3.41
C LEU A 1186 -39.52 -16.40 3.56
N ASN A 1187 -40.49 -16.85 4.37
CA ASN A 1187 -41.64 -16.01 4.65
C ASN A 1187 -41.23 -14.73 5.37
N ASN A 1188 -40.27 -14.82 6.28
CA ASN A 1188 -39.77 -13.64 6.98
C ASN A 1188 -39.08 -12.69 6.01
N ALA A 1189 -38.31 -13.23 5.07
CA ALA A 1189 -37.68 -12.38 4.07
C ALA A 1189 -38.71 -11.68 3.19
N GLU A 1190 -39.75 -12.42 2.79
CA GLU A 1190 -40.79 -11.82 1.97
C GLU A 1190 -41.54 -10.72 2.72
N LYS A 1191 -41.87 -10.96 4.00
CA LYS A 1191 -42.54 -9.92 4.78
C LYS A 1191 -41.61 -8.76 5.08
N LYS A 1192 -40.30 -9.01 5.16
CA LYS A 1192 -39.35 -7.91 5.29
C LYS A 1192 -39.34 -7.04 4.05
N CYS A 1193 -39.39 -7.66 2.87
CA CYS A 1193 -39.56 -6.87 1.65
C CYS A 1193 -40.86 -6.09 1.66
N LYS A 1194 -41.95 -6.72 2.09
CA LYS A 1194 -43.23 -6.02 2.11
C LYS A 1194 -43.19 -4.81 3.05
N GLU A 1195 -42.59 -4.98 4.22
CA GLU A 1195 -42.46 -3.87 5.17
C GLU A 1195 -41.58 -2.77 4.60
N ASN A 1196 -40.46 -3.14 3.96
CA ASN A 1196 -39.56 -2.14 3.41
C ASN A 1196 -40.21 -1.37 2.26
N GLU A 1197 -40.95 -2.07 1.39
CA GLU A 1197 -41.58 -1.41 0.26
C GLU A 1197 -42.75 -0.54 0.70
N SER A 1198 -43.51 -1.00 1.70
CA SER A 1198 -44.61 -0.20 2.21
C SER A 1198 -44.12 1.09 2.84
N THR A 1199 -43.02 1.02 3.58
CA THR A 1199 -42.45 2.21 4.23
C THR A 1199 -41.64 3.03 3.23
N LYS A 1290 -61.33 6.76 30.37
CA LYS A 1290 -60.47 6.81 31.54
C LYS A 1290 -59.02 6.50 31.17
N ILE A 1291 -58.72 5.22 30.96
CA ILE A 1291 -57.37 4.81 30.59
C ILE A 1291 -56.99 5.41 29.24
N LYS A 1292 -57.91 5.39 28.28
CA LYS A 1292 -57.66 6.02 26.99
C LYS A 1292 -57.44 7.51 27.11
N ASN A 1293 -57.92 8.13 28.18
CA ASN A 1293 -57.55 9.50 28.52
C ASN A 1293 -56.35 9.55 29.46
N ALA A 1294 -56.18 8.51 30.28
CA ALA A 1294 -55.04 8.46 31.19
C ALA A 1294 -53.72 8.41 30.44
N ILE A 1295 -53.72 7.86 29.22
CA ILE A 1295 -52.48 7.81 28.45
C ILE A 1295 -52.02 9.22 28.08
N GLN A 1296 -52.95 10.07 27.62
CA GLN A 1296 -52.57 11.43 27.30
C GLN A 1296 -52.29 12.24 28.57
N LYS A 1297 -52.99 11.92 29.67
CA LYS A 1297 -52.68 12.56 30.95
C LYS A 1297 -51.24 12.25 31.37
N GLU A 1298 -50.82 11.00 31.24
CA GLU A 1298 -49.47 10.61 31.61
C GLU A 1298 -48.44 11.24 30.68
N THR A 1299 -48.74 11.31 29.38
CA THR A 1299 -47.82 11.98 28.47
C THR A 1299 -47.65 13.46 28.81
N GLU A 1300 -48.76 14.14 29.14
CA GLU A 1300 -48.68 15.53 29.55
C GLU A 1300 -47.89 15.68 30.84
N LEU A 1301 -48.10 14.79 31.80
CA LEU A 1301 -47.35 14.85 33.05
C LEU A 1301 -45.85 14.66 32.81
N LEU A 1302 -45.48 13.70 31.96
CA LEU A 1302 -44.07 13.47 31.68
C LEU A 1302 -43.46 14.65 30.92
N TYR A 1303 -44.23 15.28 30.03
CA TYR A 1303 -43.75 16.50 29.38
C TYR A 1303 -43.52 17.60 30.40
N GLU A 1304 -44.45 17.78 31.35
CA GLU A 1304 -44.30 18.82 32.35
C GLU A 1304 -43.19 18.51 33.35
N TYR A 1305 -42.80 17.25 33.47
CA TYR A 1305 -41.68 16.91 34.36
C TYR A 1305 -40.39 17.57 33.90
N HIS A 1306 -40.13 17.57 32.60
CA HIS A 1306 -38.93 18.19 32.05
C HIS A 1306 -38.98 19.71 32.18
N PRO A 1335 -38.49 17.27 25.44
CA PRO A 1335 -37.86 16.24 26.28
C PRO A 1335 -37.06 15.23 25.48
N LYS A 1336 -36.16 14.51 26.14
CA LYS A 1336 -35.32 13.52 25.50
C LYS A 1336 -35.84 12.12 25.76
N GLY A 1337 -35.85 11.29 24.72
CA GLY A 1337 -36.24 9.90 24.84
C GLY A 1337 -37.61 9.67 25.43
N PHE A 1338 -38.65 10.13 24.73
CA PHE A 1338 -40.02 9.95 25.20
C PHE A 1338 -40.66 8.68 24.66
N CYS A 1339 -40.11 8.11 23.58
CA CYS A 1339 -40.65 6.88 23.03
C CYS A 1339 -40.56 5.74 24.03
N HIS A 1340 -39.45 5.66 24.76
CA HIS A 1340 -39.33 4.64 25.80
C HIS A 1340 -40.42 4.80 26.85
N ALA A 1341 -40.66 6.03 27.29
CA ALA A 1341 -41.67 6.26 28.32
C ALA A 1341 -43.06 5.86 27.84
N VAL A 1342 -43.43 6.30 26.63
CA VAL A 1342 -44.78 5.99 26.15
C VAL A 1342 -44.95 4.49 25.93
N GLN A 1343 -43.95 3.83 25.33
CA GLN A 1343 -44.07 2.40 25.09
C GLN A 1343 -44.15 1.63 26.40
N ARG A 1344 -43.35 2.02 27.41
CA ARG A 1344 -43.39 1.32 28.68
C ARG A 1344 -44.74 1.50 29.37
N SER A 1345 -45.24 2.73 29.40
CA SER A 1345 -46.54 2.99 30.03
C SER A 1345 -47.64 2.21 29.33
N PHE A 1346 -47.64 2.23 27.99
CA PHE A 1346 -48.71 1.56 27.26
C PHE A 1346 -48.63 0.04 27.40
N ILE A 1347 -47.43 -0.53 27.37
CA ILE A 1347 -47.32 -1.98 27.49
C ILE A 1347 -47.70 -2.42 28.91
N ASP A 1348 -47.34 -1.62 29.92
CA ASP A 1348 -47.75 -1.96 31.27
C ASP A 1348 -49.27 -1.89 31.43
N TYR A 1349 -49.89 -0.85 30.88
CA TYR A 1349 -51.34 -0.73 30.95
C TYR A 1349 -52.03 -1.86 30.21
N LYS A 1350 -51.49 -2.24 29.04
CA LYS A 1350 -52.03 -3.37 28.30
C LYS A 1350 -51.92 -4.66 29.10
N ASN A 1351 -50.78 -4.87 29.76
CA ASN A 1351 -50.61 -6.06 30.59
C ASN A 1351 -51.62 -6.09 31.73
N MET A 1352 -51.88 -4.94 32.35
CA MET A 1352 -52.87 -4.90 33.41
C MET A 1352 -54.29 -5.12 32.90
N ILE A 1353 -54.62 -4.61 31.72
CA ILE A 1353 -56.02 -4.68 31.28
C ILE A 1353 -56.33 -6.04 30.65
N LEU A 1354 -55.37 -6.65 29.94
CA LEU A 1354 -55.63 -7.93 29.30
C LEU A 1354 -55.85 -9.03 30.33
N GLY A 1355 -55.09 -9.01 31.41
CA GLY A 1355 -55.21 -10.03 32.44
C GLY A 1355 -54.32 -11.23 32.21
N ASN A 1395 -54.40 -12.13 16.70
CA ASN A 1395 -54.29 -11.19 17.81
C ASN A 1395 -54.20 -9.75 17.31
N ALA A 1396 -54.84 -9.50 16.17
CA ALA A 1396 -54.84 -8.15 15.59
C ALA A 1396 -55.61 -7.15 16.43
N TRP A 1397 -56.42 -7.61 17.39
CA TRP A 1397 -57.17 -6.69 18.25
C TRP A 1397 -56.23 -5.80 19.05
N TRP A 1398 -55.19 -6.38 19.64
CA TRP A 1398 -54.20 -5.58 20.36
C TRP A 1398 -53.48 -4.63 19.42
N LYS A 1399 -53.12 -5.11 18.22
CA LYS A 1399 -52.49 -4.24 17.23
C LYS A 1399 -53.42 -3.13 16.78
N GLY A 1400 -54.71 -3.41 16.60
CA GLY A 1400 -55.67 -2.39 16.26
C GLY A 1400 -55.80 -1.33 17.33
N ILE A 1401 -55.84 -1.76 18.60
CA ILE A 1401 -55.90 -0.80 19.71
C ILE A 1401 -54.63 0.06 19.73
N GLU A 1402 -53.47 -0.57 19.53
CA GLU A 1402 -52.21 0.18 19.51
C GLU A 1402 -52.19 1.22 18.39
N GLY A 1403 -52.63 0.81 17.19
CA GLY A 1403 -52.60 1.73 16.07
C GLY A 1403 -53.65 2.81 16.15
N GLU A 1404 -54.75 2.55 16.85
CA GLU A 1404 -55.82 3.53 16.94
C GLU A 1404 -55.45 4.69 17.85
N MET A 1405 -54.56 4.46 18.82
CA MET A 1405 -54.27 5.44 19.86
C MET A 1405 -53.14 6.40 19.48
N TRP A 1406 -52.58 6.29 18.27
CA TRP A 1406 -51.65 7.31 17.80
C TRP A 1406 -52.36 8.66 17.68
N ASP A 1407 -53.64 8.66 17.31
CA ASP A 1407 -54.39 9.90 17.17
C ASP A 1407 -54.49 10.63 18.50
N ALA A 1408 -54.67 9.90 19.60
CA ALA A 1408 -54.72 10.54 20.91
C ALA A 1408 -53.39 11.22 21.25
N VAL A 1409 -52.27 10.55 20.96
CA VAL A 1409 -50.96 11.14 21.21
C VAL A 1409 -50.76 12.39 20.36
N ARG A 1410 -51.17 12.33 19.09
CA ARG A 1410 -51.03 13.50 18.22
C ARG A 1410 -51.91 14.65 18.68
N CYS A 1411 -53.12 14.35 19.17
CA CYS A 1411 -54.00 15.38 19.70
C CYS A 1411 -53.40 16.01 20.95
N ALA A 1412 -52.79 15.21 21.83
CA ALA A 1412 -52.11 15.76 22.99
C ALA A 1412 -50.94 16.64 22.58
N ILE A 1413 -50.20 16.21 21.54
CA ILE A 1413 -49.09 17.01 21.04
C ILE A 1413 -49.59 18.36 20.51
N THR A 1414 -50.69 18.34 19.76
CA THR A 1414 -51.25 19.58 19.24
C THR A 1414 -51.75 20.48 20.38
N LYS A 1415 -52.35 19.88 21.40
CA LYS A 1415 -52.83 20.66 22.54
C LYS A 1415 -51.67 21.33 23.27
N ILE A 1416 -50.57 20.60 23.48
CA ILE A 1416 -49.41 21.19 24.14
C ILE A 1416 -48.72 22.20 23.22
N ASN A 1417 -48.90 22.07 21.91
CA ASN A 1417 -48.39 23.09 20.99
C ASN A 1417 -49.21 24.36 21.04
N LYS A 1418 -50.52 24.24 21.31
CA LYS A 1418 -51.37 25.41 21.44
C LYS A 1418 -50.93 26.29 22.61
N LYS A 1419 -50.58 25.67 23.73
CA LYS A 1419 -50.12 26.39 24.91
C LYS A 1419 -48.63 26.15 25.15
N ASP A 1440 -35.48 -6.43 18.92
CA ASP A 1440 -35.53 -6.14 20.35
C ASP A 1440 -36.96 -5.98 20.84
N GLU A 1441 -37.28 -6.64 21.94
CA GLU A 1441 -38.62 -6.55 22.53
C GLU A 1441 -38.77 -5.24 23.30
N ASP A 1442 -39.91 -5.07 23.95
CA ASP A 1442 -40.24 -3.83 24.65
C ASP A 1442 -40.73 -4.14 26.06
N GLN A 1443 -40.17 -5.16 26.70
CA GLN A 1443 -40.51 -5.51 28.06
C GLN A 1443 -39.36 -5.29 29.03
N SER A 1444 -38.19 -5.86 28.75
CA SER A 1444 -37.00 -5.67 29.57
C SER A 1444 -35.84 -5.01 28.84
N VAL A 1445 -35.74 -5.20 27.52
CA VAL A 1445 -34.67 -4.55 26.77
C VAL A 1445 -34.85 -3.03 26.78
N SER A 1446 -36.09 -2.56 26.64
CA SER A 1446 -36.35 -1.14 26.73
C SER A 1446 -36.05 -0.61 28.12
N TRP A 1447 -36.41 -1.36 29.16
CA TRP A 1447 -36.04 -1.00 30.52
C TRP A 1447 -34.53 -0.95 30.67
N PHE A 1448 -33.83 -1.91 30.08
CA PHE A 1448 -32.37 -1.92 30.13
C PHE A 1448 -31.79 -0.67 29.46
N LYS A 1449 -32.33 -0.28 28.30
CA LYS A 1449 -31.82 0.90 27.62
C LYS A 1449 -32.10 2.17 28.41
N GLU A 1450 -33.29 2.28 29.00
CA GLU A 1450 -33.60 3.45 29.82
C GLU A 1450 -32.68 3.51 31.04
N TRP A 1451 -32.44 2.36 31.68
CA TRP A 1451 -31.53 2.31 32.82
C TRP A 1451 -30.11 2.70 32.39
N SER A 1452 -29.67 2.24 31.22
CA SER A 1452 -28.34 2.59 30.73
C SER A 1452 -28.23 4.08 30.47
N GLU A 1453 -29.27 4.69 29.87
CA GLU A 1453 -29.26 6.13 29.65
C GLU A 1453 -29.22 6.90 30.95
N GLN A 1454 -30.02 6.47 31.94
CA GLN A 1454 -30.01 7.13 33.24
C GLN A 1454 -28.63 7.01 33.89
N PHE A 1455 -28.03 5.83 33.82
CA PHE A 1455 -26.68 5.65 34.37
C PHE A 1455 -25.67 6.54 33.67
N CYS A 1456 -25.76 6.63 32.34
CA CYS A 1456 -24.81 7.46 31.60
C CYS A 1456 -24.94 8.93 32.00
N ILE A 1457 -26.16 9.42 32.08
CA ILE A 1457 -26.36 10.83 32.46
C ILE A 1457 -25.87 11.08 33.88
N GLU A 1458 -26.22 10.18 34.81
CA GLU A 1458 -25.81 10.36 36.20
C GLU A 1458 -24.30 10.30 36.35
N ARG A 1459 -23.64 9.38 35.63
CA ARG A 1459 -22.19 9.26 35.73
C ARG A 1459 -21.49 10.47 35.10
N LEU A 1460 -22.03 10.97 33.98
CA LEU A 1460 -21.45 12.19 33.40
C LEU A 1460 -21.61 13.39 34.33
N GLN A 1461 -22.76 13.49 35.02
CA GLN A 1461 -22.91 14.57 35.99
C GLN A 1461 -21.96 14.41 37.16
N TYR A 1462 -21.80 13.18 37.68
CA TYR A 1462 -20.85 12.93 38.76
C TYR A 1462 -19.41 13.17 38.33
N GLU A 1463 -19.10 13.05 37.03
CA GLU A 1463 -17.75 13.37 36.57
C GLU A 1463 -17.39 14.82 36.87
N LYS A 1464 -18.29 15.75 36.52
CA LYS A 1464 -18.03 17.15 36.84
C LYS A 1464 -18.23 17.44 38.32
N ASN A 1465 -19.07 16.66 38.99
CA ASN A 1465 -19.23 16.82 40.44
C ASN A 1465 -17.93 16.51 41.17
N ILE A 1466 -17.23 15.46 40.75
CA ILE A 1466 -15.97 15.08 41.38
C ILE A 1466 -14.80 15.89 40.84
N ARG A 1467 -14.90 16.43 39.62
CA ARG A 1467 -13.84 17.26 39.08
C ARG A 1467 -13.84 18.68 39.63
N ASP A 1468 -14.84 19.04 40.43
CA ASP A 1468 -14.95 20.41 40.93
C ASP A 1468 -13.75 20.78 41.80
N ALA A 1469 -13.59 20.10 42.93
CA ALA A 1469 -12.60 20.47 43.93
C ALA A 1469 -11.53 19.39 44.10
N CYS A 1470 -11.16 18.73 43.00
CA CYS A 1470 -10.09 17.74 43.04
C CYS A 1470 -8.88 18.15 42.21
N THR A 1471 -9.07 18.48 40.93
CA THR A 1471 -7.97 18.88 40.08
C THR A 1471 -8.10 20.36 39.69
N ASP A 1477 0.58 13.81 41.78
CA ASP A 1477 0.20 14.26 43.11
C ASP A 1477 -1.14 13.68 43.54
N LYS A 1478 -1.27 13.41 44.83
CA LYS A 1478 -2.50 12.89 45.40
C LYS A 1478 -3.31 14.03 46.01
N ILE A 1479 -4.63 13.95 45.88
CA ILE A 1479 -5.54 15.01 46.30
C ILE A 1479 -6.40 14.48 47.43
N GLN A 1480 -6.53 15.28 48.49
CA GLN A 1480 -7.31 14.92 49.67
C GLN A 1480 -8.30 16.04 49.97
N GLY A 1481 -9.03 15.88 51.06
CA GLY A 1481 -9.98 16.90 51.49
C GLY A 1481 -11.36 16.68 50.89
N ASP A 1482 -11.81 17.63 50.07
CA ASP A 1482 -13.14 17.51 49.47
C ASP A 1482 -13.18 16.40 48.44
N CYS A 1483 -12.08 16.19 47.70
CA CYS A 1483 -12.10 15.24 46.60
C CYS A 1483 -12.34 13.81 47.07
N LYS A 1484 -11.80 13.44 48.24
CA LYS A 1484 -12.01 12.08 48.73
C LYS A 1484 -13.47 11.81 49.07
N ARG A 1485 -14.19 12.83 49.54
CA ARG A 1485 -15.63 12.67 49.80
C ARG A 1485 -16.38 12.36 48.51
N LYS A 1486 -16.12 13.14 47.46
CA LYS A 1486 -16.77 12.90 46.18
C LYS A 1486 -16.38 11.55 45.61
N CYS A 1487 -15.11 11.15 45.78
CA CYS A 1487 -14.66 9.85 45.30
C CYS A 1487 -15.36 8.72 46.04
N GLU A 1488 -15.51 8.84 47.37
CA GLU A 1488 -16.22 7.83 48.13
C GLU A 1488 -17.68 7.73 47.72
N GLU A 1489 -18.33 8.88 47.51
CA GLU A 1489 -19.73 8.86 47.06
C GLU A 1489 -19.85 8.24 45.68
N TYR A 1490 -18.91 8.57 44.78
CA TYR A 1490 -18.93 7.99 43.44
C TYR A 1490 -18.73 6.48 43.49
N LYS A 1491 -17.82 6.02 44.35
CA LYS A 1491 -17.60 4.59 44.49
C LYS A 1491 -18.83 3.88 45.05
N LYS A 1492 -19.49 4.49 46.03
CA LYS A 1492 -20.72 3.93 46.57
C LYS A 1492 -21.79 3.84 45.49
N TYR A 1493 -21.92 4.90 44.69
CA TYR A 1493 -22.89 4.89 43.59
C TYR A 1493 -22.55 3.80 42.58
N ILE A 1494 -21.26 3.64 42.25
CA ILE A 1494 -20.86 2.61 41.30
C ILE A 1494 -21.19 1.22 41.83
N SER A 1495 -20.90 0.98 43.11
CA SER A 1495 -21.22 -0.32 43.70
C SER A 1495 -22.72 -0.59 43.68
N GLU A 1496 -23.52 0.42 44.06
CA GLU A 1496 -24.97 0.24 44.08
C GLU A 1496 -25.52 0.00 42.68
N LYS A 1497 -24.98 0.68 41.67
CA LYS A 1497 -25.45 0.46 40.31
C LYS A 1497 -25.01 -0.90 39.77
N LYS A 1498 -23.79 -1.33 40.10
CA LYS A 1498 -23.33 -2.64 39.64
C LYS A 1498 -24.13 -3.76 40.28
N GLN A 1499 -24.60 -3.56 41.53
CA GLN A 1499 -25.43 -4.55 42.18
C GLN A 1499 -26.66 -4.88 41.33
N GLU A 1500 -27.29 -3.85 40.75
CA GLU A 1500 -28.43 -4.08 39.88
C GLU A 1500 -28.02 -4.41 38.45
N TRP A 1501 -26.83 -3.97 38.04
CA TRP A 1501 -26.32 -4.29 36.71
C TRP A 1501 -26.12 -5.78 36.54
N ASP A 1502 -25.63 -6.45 37.59
CA ASP A 1502 -25.48 -7.90 37.53
C ASP A 1502 -26.82 -8.58 37.26
N LYS A 1503 -27.86 -8.18 38.02
CA LYS A 1503 -29.17 -8.77 37.82
C LYS A 1503 -29.74 -8.46 36.44
N GLN A 1504 -29.55 -7.23 35.96
CA GLN A 1504 -30.05 -6.86 34.65
C GLN A 1504 -29.36 -7.67 33.56
N LYS A 1505 -28.04 -7.84 33.65
CA LYS A 1505 -27.32 -8.64 32.66
C LYS A 1505 -27.76 -10.09 32.70
N THR A 1506 -27.94 -10.65 33.90
CA THR A 1506 -28.39 -12.04 34.00
C THR A 1506 -29.78 -12.21 33.39
N LYS A 1507 -30.69 -11.27 33.67
CA LYS A 1507 -32.03 -11.36 33.11
C LYS A 1507 -32.01 -11.22 31.58
N TYR A 1508 -31.18 -10.30 31.07
CA TYR A 1508 -31.07 -10.14 29.62
C TYR A 1508 -30.54 -11.41 28.97
N GLU A 1509 -29.51 -12.02 29.55
CA GLU A 1509 -28.96 -13.26 29.00
C GLU A 1509 -29.98 -14.39 29.08
N ASN A 1510 -30.74 -14.47 30.18
CA ASN A 1510 -31.77 -15.48 30.31
C ASN A 1510 -32.85 -15.31 29.25
N LYS A 1511 -33.23 -14.06 28.97
CA LYS A 1511 -34.23 -13.81 27.93
C LYS A 1511 -33.70 -14.21 26.55
N TYR A 1512 -32.49 -13.73 26.21
CA TYR A 1512 -31.80 -14.20 25.01
C TYR A 1512 -30.36 -13.73 25.07
N VAL A 1513 -29.44 -14.59 24.64
CA VAL A 1513 -28.02 -14.25 24.66
C VAL A 1513 -27.54 -13.60 23.37
N GLY A 1514 -28.26 -13.80 22.26
CA GLY A 1514 -27.87 -13.21 20.99
C GLY A 1514 -28.02 -11.70 20.95
N ASN A 1574 5.57 -0.40 35.48
CA ASN A 1574 4.30 0.31 35.33
C ASN A 1574 3.15 -0.68 35.12
N LYS A 1575 2.49 -1.03 36.21
CA LYS A 1575 1.43 -2.03 36.18
C LYS A 1575 0.11 -1.42 35.71
N SER A 1576 -0.82 -2.29 35.35
CA SER A 1576 -2.17 -1.88 34.94
C SER A 1576 -3.11 -3.05 35.18
N LEU A 1577 -4.40 -2.74 35.25
CA LEU A 1577 -5.44 -3.74 35.54
C LEU A 1577 -6.11 -4.12 34.23
N CYS A 1578 -5.50 -5.07 33.52
CA CYS A 1578 -6.04 -5.57 32.27
C CYS A 1578 -5.81 -7.08 32.18
N HIS A 1579 -6.72 -7.76 31.50
CA HIS A 1579 -6.60 -9.19 31.33
C HIS A 1579 -5.54 -9.52 30.27
N GLU A 1580 -5.13 -10.78 30.24
CA GLU A 1580 -4.13 -11.24 29.29
C GLU A 1580 -4.76 -11.64 27.97
N GLY A 1582 -6.62 -14.07 26.86
CA GLY A 1582 -7.67 -14.96 26.39
C GLY A 1582 -7.42 -15.49 25.00
N ASN A 1583 -7.07 -16.77 24.91
CA ASN A 1583 -6.79 -17.40 23.62
C ASN A 1583 -8.09 -17.68 22.91
N ASP A 1584 -8.46 -16.80 21.99
CA ASP A 1584 -9.65 -16.96 21.16
C ASP A 1584 -9.21 -17.21 19.73
N ARG A 1585 -9.67 -18.33 19.15
CA ARG A 1585 -9.27 -18.70 17.80
C ARG A 1585 -10.32 -18.39 16.75
N THR A 1586 -11.57 -18.20 17.14
CA THR A 1586 -12.62 -17.82 16.21
C THR A 1586 -12.73 -16.30 16.13
N TRP A 1587 -13.06 -15.81 14.94
CA TRP A 1587 -13.14 -14.37 14.70
C TRP A 1587 -13.92 -14.11 13.43
N SER A 1588 -14.97 -13.29 13.56
CA SER A 1588 -15.83 -12.93 12.44
C SER A 1588 -16.14 -11.45 12.52
N LYS A 1589 -16.86 -10.95 11.52
CA LYS A 1589 -17.18 -9.53 11.47
C LYS A 1589 -18.27 -9.18 12.47
N LYS A 1590 -17.99 -8.19 13.31
CA LYS A 1590 -19.01 -7.66 14.22
C LYS A 1590 -19.03 -6.14 14.34
N TYR A 1591 -17.93 -5.44 14.06
CA TYR A 1591 -17.86 -3.98 14.22
C TYR A 1591 -16.98 -3.43 13.10
N ILE A 1592 -17.62 -2.96 12.02
CA ILE A 1592 -16.92 -2.35 10.90
C ILE A 1592 -17.68 -1.08 10.54
N LYS A 1593 -16.93 -0.06 10.09
CA LYS A 1593 -17.53 1.24 9.81
C LYS A 1593 -18.61 1.15 8.74
N LYS A 1594 -18.35 0.41 7.67
CA LYS A 1594 -19.30 0.24 6.57
C LYS A 1594 -19.77 1.58 6.00
N THR A 1600 -21.04 -1.28 2.22
CA THR A 1600 -19.86 -1.20 1.37
C THR A 1600 -18.76 -2.13 1.86
N LEU A 1601 -18.45 -2.02 3.16
CA LEU A 1601 -17.41 -2.84 3.78
C LEU A 1601 -17.97 -4.25 4.00
N GLU A 1602 -17.94 -5.05 2.95
CA GLU A 1602 -18.46 -6.41 2.97
C GLU A 1602 -17.30 -7.38 2.78
N GLY A 1603 -17.22 -8.37 3.66
CA GLY A 1603 -16.17 -9.36 3.59
C GLY A 1603 -14.91 -8.99 4.33
N VAL A 1604 -15.05 -8.19 5.39
CA VAL A 1604 -13.94 -7.78 6.24
C VAL A 1604 -14.11 -8.45 7.59
N TYR A 1605 -13.12 -9.22 8.00
CA TYR A 1605 -13.19 -9.99 9.25
C TYR A 1605 -11.98 -9.63 10.11
N VAL A 1606 -12.26 -9.16 11.31
CA VAL A 1606 -11.20 -8.62 12.18
C VAL A 1606 -10.45 -9.77 12.85
N PRO A 1607 -9.12 -9.81 12.74
CA PRO A 1607 -8.38 -10.92 13.34
C PRO A 1607 -8.49 -10.89 14.85
N PRO A 1608 -8.39 -12.04 15.51
CA PRO A 1608 -8.52 -12.05 16.98
C PRO A 1608 -7.45 -11.26 17.68
N ARG A 1609 -6.23 -11.21 17.13
CA ARG A 1609 -5.15 -10.45 17.77
C ARG A 1609 -5.50 -8.97 17.85
N ARG A 1610 -6.08 -8.42 16.79
CA ARG A 1610 -6.54 -7.03 16.82
C ARG A 1610 -7.84 -6.88 17.59
N GLN A 1611 -8.63 -7.93 17.72
CA GLN A 1611 -9.88 -7.83 18.46
C GLN A 1611 -9.65 -7.78 19.97
N GLN A 1612 -8.63 -8.50 20.46
CA GLN A 1612 -8.26 -8.46 21.86
C GLN A 1612 -7.25 -7.37 22.18
N LEU A 1613 -7.18 -6.33 21.35
CA LEU A 1613 -6.24 -5.24 21.59
C LEU A 1613 -6.59 -4.55 22.90
N CYS A 1614 -5.56 -4.24 23.69
CA CYS A 1614 -5.74 -3.69 25.03
C CYS A 1614 -5.75 -2.17 24.94
N LEU A 1615 -6.95 -1.58 25.00
CA LEU A 1615 -7.12 -0.13 25.00
C LEU A 1615 -7.74 0.36 26.31
N TYR A 1616 -7.69 -0.45 27.36
CA TYR A 1616 -8.26 -0.05 28.65
C TYR A 1616 -7.55 1.18 29.20
N GLU A 1617 -6.22 1.15 29.24
CA GLU A 1617 -5.45 2.27 29.77
C GLU A 1617 -5.53 3.50 28.90
N LEU A 1618 -5.98 3.37 27.65
CA LEU A 1618 -6.09 4.52 26.76
C LEU A 1618 -7.31 5.37 27.07
N PHE A 1619 -8.27 4.85 27.84
CA PHE A 1619 -9.47 5.64 28.14
C PHE A 1619 -9.18 6.67 29.22
N PRO A 1620 -8.61 6.31 30.39
CA PRO A 1620 -8.35 7.34 31.42
C PRO A 1620 -7.61 8.56 30.92
N ILE A 1621 -6.58 8.39 30.08
CA ILE A 1621 -5.69 9.48 29.75
C ILE A 1621 -6.39 10.53 28.89
N ILE A 1622 -7.46 10.17 28.19
CA ILE A 1622 -8.22 11.13 27.39
C ILE A 1622 -9.58 11.45 28.00
N ILE A 1623 -9.98 10.77 29.07
CA ILE A 1623 -11.11 11.24 29.87
C ILE A 1623 -10.78 12.59 30.50
N LYS A 1624 -9.49 12.86 30.74
CA LYS A 1624 -9.09 14.11 31.37
C LYS A 1624 -9.48 15.34 30.57
N ASN A 1625 -9.74 15.17 29.26
CA ASN A 1625 -10.18 16.27 28.41
C ASN A 1625 -9.21 17.44 28.41
N ASN A 1627 -6.17 18.23 29.59
CA ASN A 1627 -6.65 19.57 29.91
C ASN A 1627 -5.99 20.61 29.01
N ASP A 1628 -4.68 20.47 28.83
CA ASP A 1628 -3.90 21.36 27.98
C ASP A 1628 -3.41 20.57 26.77
N ILE A 1629 -3.36 21.26 25.62
CA ILE A 1629 -3.07 20.57 24.35
C ILE A 1629 -1.69 19.91 24.40
N THR A 1630 -0.68 20.65 24.85
CA THR A 1630 0.65 20.06 24.97
C THR A 1630 0.67 18.96 26.02
N ASN A 1631 0.01 19.20 27.17
CA ASN A 1631 -0.09 18.17 28.19
C ASN A 1631 -0.88 16.97 27.69
N ALA A 1632 -1.94 17.23 26.92
CA ALA A 1632 -2.72 16.12 26.35
C ALA A 1632 -1.86 15.29 25.41
N LYS A 1633 -1.06 15.93 24.55
CA LYS A 1633 -0.19 15.19 23.65
C LYS A 1633 0.85 14.38 24.42
N LYS A 1634 1.44 14.98 25.45
CA LYS A 1634 2.45 14.28 26.24
C LYS A 1634 1.85 13.06 26.93
N GLU A 1635 0.69 13.24 27.57
CA GLU A 1635 0.05 12.13 28.27
C GLU A 1635 -0.42 11.05 27.30
N LEU A 1636 -0.90 11.45 26.12
CA LEU A 1636 -1.28 10.47 25.10
C LEU A 1636 -0.07 9.67 24.64
N LEU A 1637 1.06 10.34 24.46
CA LEU A 1637 2.28 9.62 24.07
C LEU A 1637 2.71 8.63 25.16
N GLU A 1638 2.64 9.06 26.42
CA GLU A 1638 2.99 8.15 27.51
C GLU A 1638 2.07 6.94 27.55
N THR A 1639 0.77 7.16 27.37
CA THR A 1639 -0.18 6.05 27.41
C THR A 1639 -0.02 5.14 26.21
N LEU A 1640 0.30 5.69 25.04
CA LEU A 1640 0.62 4.86 23.89
C LEU A 1640 1.84 4.00 24.17
N GLN A 1641 2.86 4.58 24.81
CA GLN A 1641 4.05 3.81 25.19
C GLN A 1641 3.68 2.64 26.10
N ILE A 1642 2.91 2.91 27.15
CA ILE A 1642 2.60 1.86 28.12
C ILE A 1642 1.70 0.80 27.50
N VAL A 1643 0.75 1.21 26.65
CA VAL A 1643 -0.12 0.25 25.98
C VAL A 1643 0.67 -0.63 25.04
N ALA A 1644 1.60 -0.04 24.29
CA ALA A 1644 2.45 -0.84 23.41
C ALA A 1644 3.30 -1.82 24.20
N GLU A 1645 3.85 -1.37 25.34
CA GLU A 1645 4.66 -2.25 26.17
C GLU A 1645 3.85 -3.44 26.67
N ARG A 1646 2.65 -3.17 27.21
CA ARG A 1646 1.83 -4.25 27.75
C ARG A 1646 1.37 -5.19 26.64
N GLU A 1647 1.00 -4.65 25.48
CA GLU A 1647 0.58 -5.50 24.37
C GLU A 1647 1.71 -6.39 23.90
N ALA A 1648 2.92 -5.85 23.78
CA ALA A 1648 4.05 -6.66 23.37
C ALA A 1648 4.36 -7.74 24.41
N TYR A 1649 4.30 -7.39 25.69
CA TYR A 1649 4.57 -8.37 26.74
C TYR A 1649 3.56 -9.51 26.70
N TYR A 1650 2.27 -9.17 26.59
CA TYR A 1650 1.25 -10.21 26.52
C TYR A 1650 1.39 -11.06 25.26
N LEU A 1651 1.68 -10.44 24.11
CA LEU A 1651 1.81 -11.20 22.87
C LEU A 1651 2.99 -12.16 22.93
N TRP A 1652 4.11 -11.72 23.48
CA TRP A 1652 5.26 -12.62 23.59
C TRP A 1652 4.99 -13.72 24.62
N LYS A 1653 4.34 -13.38 25.74
CA LYS A 1653 4.06 -14.39 26.75
C LYS A 1653 3.03 -15.40 26.25
N GLN A 1654 2.02 -14.93 25.51
CA GLN A 1654 0.95 -15.83 25.07
C GLN A 1654 1.46 -16.82 24.02
N TYR A 1655 2.37 -16.39 23.15
CA TYR A 1655 2.88 -17.29 22.11
C TYR A 1655 3.83 -18.32 22.70
N HIS A 1656 4.65 -17.95 23.67
CA HIS A 1656 5.65 -18.84 24.24
C HIS A 1656 5.17 -19.54 25.52
N ALA A 1657 3.90 -19.38 25.89
CA ALA A 1657 3.36 -20.11 27.02
C ALA A 1657 3.17 -21.59 26.73
N HIS A 1658 3.24 -21.99 25.47
CA HIS A 1658 3.08 -23.40 25.09
C HIS A 1658 4.40 -24.13 25.31
N ASN A 1659 4.47 -25.37 24.82
CA ASN A 1659 5.68 -26.16 24.97
C ASN A 1659 6.78 -25.72 24.02
N ASP A 1660 6.42 -25.15 22.87
CA ASP A 1660 7.41 -24.77 21.88
C ASP A 1660 8.13 -23.49 22.29
N THR A 1661 9.46 -23.51 22.19
CA THR A 1661 10.28 -22.33 22.49
C THR A 1661 11.38 -22.14 21.45
N THR A 1662 11.23 -22.70 20.25
CA THR A 1662 12.27 -22.67 19.23
C THR A 1662 12.25 -21.33 18.50
N TYR A 1663 13.00 -21.25 17.40
CA TYR A 1663 13.09 -20.02 16.62
C TYR A 1663 11.78 -19.70 15.93
N LEU A 1664 10.99 -20.74 15.60
CA LEU A 1664 9.71 -20.53 14.94
C LEU A 1664 8.76 -19.73 15.82
N ALA A 1665 8.71 -20.05 17.12
CA ALA A 1665 7.87 -19.28 18.04
C ALA A 1665 8.35 -17.84 18.14
N HIS A 1666 9.67 -17.63 18.14
CA HIS A 1666 10.22 -16.28 18.15
C HIS A 1666 9.75 -15.49 16.95
N LYS A 1667 9.83 -16.10 15.75
CA LYS A 1667 9.41 -15.39 14.55
C LYS A 1667 7.91 -15.12 14.55
N LYS A 1668 7.11 -16.09 15.01
CA LYS A 1668 5.67 -15.89 15.04
C LYS A 1668 5.28 -14.76 15.99
N ALA A 1669 5.90 -14.74 17.17
CA ALA A 1669 5.63 -13.64 18.11
C ALA A 1669 6.13 -12.31 17.57
N CYS A 1670 7.25 -12.32 16.85
CA CYS A 1670 7.75 -11.11 16.22
C CYS A 1670 6.76 -10.55 15.22
N CYS A 1671 6.20 -11.42 14.38
CA CYS A 1671 5.22 -10.99 13.39
C CYS A 1671 3.94 -10.50 14.06
N ALA A 1672 3.50 -11.19 15.12
CA ALA A 1672 2.30 -10.74 15.83
C ALA A 1672 2.52 -9.37 16.46
N ILE A 1673 3.69 -9.14 17.06
CA ILE A 1673 4.00 -7.85 17.65
C ILE A 1673 4.03 -6.77 16.58
N ARG A 1674 4.64 -7.06 15.42
CA ARG A 1674 4.65 -6.09 14.34
C ARG A 1674 3.24 -5.75 13.87
N GLY A 1675 2.39 -6.76 13.75
CA GLY A 1675 1.01 -6.51 13.37
C GLY A 1675 0.27 -5.66 14.39
N SER A 1676 0.49 -5.93 15.67
CA SER A 1676 -0.15 -5.13 16.71
C SER A 1676 0.33 -3.69 16.68
N PHE A 1677 1.62 -3.48 16.45
CA PHE A 1677 2.16 -2.13 16.35
C PHE A 1677 1.57 -1.40 15.15
N TYR A 1678 1.43 -2.11 14.02
CA TYR A 1678 0.80 -1.51 12.85
C TYR A 1678 -0.65 -1.13 13.14
N ASP A 1679 -1.36 -1.98 13.90
CA ASP A 1679 -2.74 -1.67 14.24
C ASP A 1679 -2.83 -0.46 15.15
N LEU A 1680 -1.93 -0.34 16.13
CA LEU A 1680 -1.88 0.87 16.94
C LEU A 1680 -1.60 2.10 16.09
N GLU A 1681 -0.68 1.98 15.13
CA GLU A 1681 -0.37 3.11 14.25
C GLU A 1681 -1.60 3.51 13.45
N ASP A 1682 -2.35 2.53 12.94
CA ASP A 1682 -3.54 2.85 12.15
C ASP A 1682 -4.65 3.43 13.00
N ILE A 1683 -4.78 2.99 14.27
CA ILE A 1683 -5.74 3.61 15.17
C ILE A 1683 -5.39 5.07 15.44
N ILE A 1684 -4.10 5.34 15.67
CA ILE A 1684 -3.68 6.72 15.88
C ILE A 1684 -3.92 7.55 14.62
N LYS A 1685 -3.60 6.99 13.46
CA LYS A 1685 -3.78 7.69 12.19
C LYS A 1685 -5.23 7.65 11.69
N GLY A 1686 -6.12 6.98 12.41
CA GLY A 1686 -7.52 6.96 12.04
C GLY A 1686 -7.84 6.24 10.75
N ASN A 1687 -7.12 5.16 10.45
CA ASN A 1687 -7.39 4.34 9.27
C ASN A 1687 -7.92 2.95 9.62
N ASP A 1688 -8.14 2.67 10.91
CA ASP A 1688 -8.61 1.35 11.31
C ASP A 1688 -10.03 1.11 10.83
N LEU A 1689 -10.30 -0.12 10.37
CA LEU A 1689 -11.61 -0.50 9.89
C LEU A 1689 -12.58 -0.86 11.01
N VAL A 1690 -12.09 -1.05 12.24
CA VAL A 1690 -12.96 -1.37 13.35
C VAL A 1690 -13.78 -0.14 13.74
N HIS A 1691 -15.04 -0.36 14.10
CA HIS A 1691 -15.94 0.72 14.49
C HIS A 1691 -16.72 0.35 15.74
N ASP A 1692 -16.04 -0.26 16.72
CA ASP A 1692 -16.69 -0.56 17.98
C ASP A 1692 -16.58 0.65 18.92
N GLU A 1693 -17.09 0.48 20.15
CA GLU A 1693 -17.17 1.61 21.08
C GLU A 1693 -15.79 2.14 21.44
N TYR A 1694 -14.80 1.25 21.58
CA TYR A 1694 -13.45 1.67 21.95
C TYR A 1694 -12.89 2.65 20.92
N THR A 1695 -12.71 2.19 19.68
CA THR A 1695 -12.14 3.06 18.66
C THR A 1695 -13.05 4.25 18.37
N LYS A 1696 -14.37 4.09 18.57
CA LYS A 1696 -15.27 5.23 18.39
C LYS A 1696 -14.93 6.35 19.35
N TYR A 1697 -14.82 6.04 20.65
CA TYR A 1697 -14.48 7.09 21.60
C TYR A 1697 -13.06 7.59 21.35
N ILE A 1698 -12.14 6.69 20.99
CA ILE A 1698 -10.75 7.09 20.79
C ILE A 1698 -10.63 8.11 19.66
N ASP A 1699 -11.20 7.81 18.48
CA ASP A 1699 -11.04 8.75 17.39
C ASP A 1699 -11.93 9.97 17.55
N SER A 1700 -13.08 9.83 18.21
CA SER A 1700 -13.89 11.02 18.49
C SER A 1700 -13.14 12.00 19.38
N LYS A 1701 -12.43 11.50 20.39
CA LYS A 1701 -11.67 12.39 21.27
C LYS A 1701 -10.42 12.91 20.56
N LEU A 1702 -9.75 12.06 19.78
CA LEU A 1702 -8.53 12.47 19.10
C LEU A 1702 -8.81 13.53 18.03
N ASN A 1703 -9.98 13.47 17.39
CA ASN A 1703 -10.34 14.52 16.45
C ASN A 1703 -10.45 15.87 17.13
N GLU A 1704 -11.05 15.90 18.33
CA GLU A 1704 -11.14 17.13 19.09
C GLU A 1704 -9.77 17.60 19.58
N ILE A 1705 -8.91 16.65 19.96
CA ILE A 1705 -7.58 16.99 20.45
C ILE A 1705 -6.76 17.63 19.35
N PHE A 1706 -6.80 17.06 18.15
CA PHE A 1706 -5.94 17.49 17.05
C PHE A 1706 -6.62 18.49 16.12
N ASP A 1707 -7.50 19.33 16.66
CA ASP A 1707 -8.14 20.38 15.88
C ASP A 1707 -7.31 21.66 16.01
N SER A 1708 -6.69 22.07 14.91
CA SER A 1708 -5.85 23.28 14.89
C SER A 1708 -6.68 24.49 14.44
N SER A 1709 -7.69 24.81 15.25
CA SER A 1709 -8.61 25.92 15.00
C SER A 1709 -9.29 25.80 13.64
N ASN A 1710 -9.56 24.56 13.21
CA ASN A 1710 -10.25 24.31 11.96
C ASN A 1710 -10.92 22.94 12.03
N LYS A 1711 -11.94 22.76 11.19
CA LYS A 1711 -12.76 21.55 11.22
C LYS A 1711 -12.64 20.75 9.93
N ASN A 1712 -11.58 20.95 9.15
CA ASN A 1712 -11.40 20.20 7.91
C ASN A 1712 -10.99 18.77 8.23
N ASP A 1713 -11.69 17.81 7.61
CA ASP A 1713 -11.38 16.40 7.86
C ASP A 1713 -10.00 16.03 7.34
N ILE A 1714 -9.64 16.50 6.14
CA ILE A 1714 -8.32 16.22 5.59
C ILE A 1714 -7.24 16.88 6.45
N GLU A 1715 -7.47 18.13 6.86
CA GLU A 1715 -6.48 18.84 7.66
C GLU A 1715 -6.25 18.15 8.99
N THR A 1716 -7.32 17.72 9.66
CA THR A 1716 -7.15 17.05 10.95
C THR A 1716 -6.57 15.65 10.79
N LYS A 1717 -6.92 14.93 9.72
CA LYS A 1717 -6.36 13.61 9.49
C LYS A 1717 -4.91 13.67 9.05
N ARG A 1718 -4.45 14.82 8.57
CA ARG A 1718 -3.03 15.01 8.31
C ARG A 1718 -2.29 15.59 9.51
N ALA A 1719 -2.99 16.32 10.38
CA ALA A 1719 -2.38 16.81 11.61
C ALA A 1719 -2.15 15.68 12.59
N ARG A 1720 -3.06 14.71 12.65
CA ARG A 1720 -2.82 13.52 13.46
C ARG A 1720 -1.83 12.59 12.80
N THR A 1721 -1.49 12.82 11.53
CA THR A 1721 -0.53 11.97 10.83
C THR A 1721 0.90 12.50 10.99
N ASP A 1722 1.11 13.78 10.68
CA ASP A 1722 2.45 14.36 10.79
C ASP A 1722 2.94 14.38 12.24
N TRP A 1723 2.04 14.31 13.22
CA TRP A 1723 2.46 14.15 14.60
C TRP A 1723 3.06 12.76 14.83
N TRP A 1724 2.71 11.78 14.00
CA TRP A 1724 3.18 10.41 14.19
C TRP A 1724 4.50 10.16 13.46
N GLU A 1725 4.52 10.37 12.14
CA GLU A 1725 5.67 10.04 11.31
C GLU A 1725 6.56 11.23 11.02
N ASN A 1726 6.25 12.43 11.52
CA ASN A 1726 7.03 13.61 11.22
C ASN A 1726 7.36 14.48 12.42
N GLU A 1727 6.85 14.19 13.61
CA GLU A 1727 7.15 14.96 14.81
C GLU A 1727 8.41 14.39 15.45
N ALA A 1728 9.52 15.10 15.28
CA ALA A 1728 10.82 14.59 15.72
C ALA A 1728 10.87 14.42 17.24
N ILE A 1729 10.32 15.39 17.97
CA ILE A 1729 10.35 15.45 19.44
C ILE A 1729 11.71 15.03 20.02
N ASP A 1741 19.55 11.41 18.16
CA ASP A 1741 18.80 12.24 19.10
C ASP A 1741 17.34 12.45 18.70
N PRO A 1742 17.06 12.78 17.42
CA PRO A 1742 15.64 12.91 17.00
C PRO A 1742 14.96 11.55 16.94
N LYS A 1743 14.10 11.26 17.91
CA LYS A 1743 13.39 9.99 18.01
C LYS A 1743 11.90 10.28 17.90
N THR A 1744 11.36 10.15 16.69
CA THR A 1744 9.96 10.48 16.46
C THR A 1744 9.06 9.45 17.14
N ILE A 1745 7.75 9.66 17.01
CA ILE A 1745 6.77 8.86 17.75
C ILE A 1745 6.79 7.41 17.30
N ARG A 1746 7.03 7.17 16.01
CA ARG A 1746 6.98 5.80 15.49
C ARG A 1746 8.05 4.92 16.15
N GLN A 1747 9.32 5.32 16.02
CA GLN A 1747 10.38 4.54 16.66
C GLN A 1747 10.29 4.60 18.19
N LEU A 1748 9.63 5.62 18.74
CA LEU A 1748 9.46 5.67 20.19
C LEU A 1748 8.50 4.58 20.66
N VAL A 1749 7.37 4.42 19.97
CA VAL A 1749 6.45 3.34 20.29
C VAL A 1749 7.09 1.99 19.99
N TRP A 1750 7.92 1.93 18.94
CA TRP A 1750 8.62 0.69 18.65
C TRP A 1750 9.58 0.33 19.77
N ASP A 1751 10.28 1.32 20.32
CA ASP A 1751 11.15 1.08 21.46
C ASP A 1751 10.36 0.70 22.70
N ALA A 1752 9.15 1.24 22.86
CA ALA A 1752 8.28 0.79 23.94
C ALA A 1752 7.95 -0.69 23.80
N MET A 1753 7.61 -1.12 22.57
CA MET A 1753 7.39 -2.54 22.31
C MET A 1753 8.65 -3.37 22.60
N GLN A 1754 9.81 -2.85 22.23
CA GLN A 1754 11.06 -3.55 22.48
C GLN A 1754 11.31 -3.69 23.97
N SER A 1755 11.04 -2.64 24.74
CA SER A 1755 11.18 -2.73 26.20
C SER A 1755 10.20 -3.75 26.77
N GLY A 1756 8.98 -3.79 26.25
CA GLY A 1756 8.03 -4.79 26.71
C GLY A 1756 8.49 -6.22 26.42
N VAL A 1757 9.01 -6.45 25.21
CA VAL A 1757 9.45 -7.79 24.87
C VAL A 1757 10.70 -8.17 25.65
N ARG A 1758 11.56 -7.19 25.97
CA ARG A 1758 12.71 -7.47 26.81
C ARG A 1758 12.28 -7.81 28.24
N LYS A 1759 11.24 -7.13 28.74
CA LYS A 1759 10.68 -7.48 30.03
C LYS A 1759 10.10 -8.89 30.00
N ALA A 1760 9.47 -9.26 28.89
CA ALA A 1760 8.97 -10.63 28.75
C ALA A 1760 10.11 -11.64 28.75
N ILE A 1761 11.21 -11.33 28.06
CA ILE A 1761 12.34 -12.25 28.01
C ILE A 1761 13.00 -12.38 29.38
N ASP A 1762 13.23 -11.24 30.05
CA ASP A 1762 14.02 -11.21 31.27
C ASP A 1762 13.29 -11.74 32.49
N GLU A 1763 12.13 -12.38 32.32
CA GLU A 1763 11.41 -12.97 33.43
C GLU A 1763 11.30 -14.49 33.31
N GLU A 1764 10.84 -15.00 32.17
CA GLU A 1764 10.74 -16.44 31.98
C GLU A 1764 12.07 -17.02 31.53
N LYS A 1769 17.83 -22.07 26.79
CA LYS A 1769 17.00 -22.26 27.99
C LYS A 1769 17.57 -21.54 29.23
N PRO A 1770 18.83 -21.80 29.60
CA PRO A 1770 19.38 -21.10 30.78
C PRO A 1770 19.42 -19.58 30.62
N ASN A 1771 19.64 -19.09 29.41
CA ASN A 1771 19.72 -17.66 29.16
C ASN A 1771 19.35 -17.40 27.71
N GLU A 1772 18.20 -16.78 27.49
CA GLU A 1772 17.74 -16.45 26.15
C GLU A 1772 18.35 -15.13 25.69
N ASN A 1773 18.46 -14.97 24.38
CA ASN A 1773 19.00 -13.77 23.77
C ASN A 1773 17.91 -12.99 23.05
N PHE A 1774 18.22 -11.72 22.77
CA PHE A 1774 17.28 -10.85 22.08
C PHE A 1774 17.21 -11.26 20.60
N PRO A 1775 16.03 -11.57 20.08
CA PRO A 1775 15.93 -11.99 18.67
C PRO A 1775 16.40 -10.90 17.74
N PRO A 1776 17.08 -11.27 16.64
CA PRO A 1776 17.53 -10.23 15.69
C PRO A 1776 16.39 -9.44 15.06
N CYS A 1777 15.23 -10.08 14.85
CA CYS A 1777 14.10 -9.38 14.25
C CYS A 1777 13.61 -8.24 15.15
N MET A 1778 13.53 -8.49 16.46
CA MET A 1778 13.02 -7.50 17.39
C MET A 1778 13.94 -6.30 17.54
N GLY A 1779 15.23 -6.46 17.22
CA GLY A 1779 16.19 -5.40 17.41
C GLY A 1779 16.60 -4.67 16.13
N VAL A 1780 15.78 -4.81 15.08
CA VAL A 1780 16.13 -4.16 13.81
C VAL A 1780 16.03 -2.65 13.93
N GLN A 1781 15.06 -2.15 14.71
CA GLN A 1781 14.80 -0.73 14.91
C GLN A 1781 14.44 0.00 13.61
N HIS A 1782 14.17 -0.74 12.54
CA HIS A 1782 13.76 -0.15 11.26
C HIS A 1782 12.45 -0.78 10.83
N ILE A 1783 11.45 0.05 10.58
CA ILE A 1783 10.11 -0.40 10.19
C ILE A 1783 9.75 0.26 8.88
N GLY A 1784 9.42 -0.55 7.88
CA GLY A 1784 9.02 -0.04 6.58
C GLY A 1784 7.61 0.50 6.58
N ILE A 1785 7.19 0.97 5.40
CA ILE A 1785 5.84 1.49 5.24
C ILE A 1785 4.84 0.37 5.47
N ALA A 1786 3.82 0.65 6.28
CA ALA A 1786 2.84 -0.36 6.63
C ALA A 1786 1.92 -0.67 5.44
N LYS A 1787 1.67 -1.95 5.23
CA LYS A 1787 0.66 -2.36 4.27
C LYS A 1787 -0.73 -2.01 4.80
N PRO A 1788 -1.73 -1.91 3.92
CA PRO A 1788 -3.06 -1.53 4.36
C PRO A 1788 -3.63 -2.52 5.37
N GLN A 1789 -4.56 -2.02 6.18
CA GLN A 1789 -5.14 -2.83 7.25
C GLN A 1789 -5.72 -4.13 6.72
N PHE A 1790 -6.48 -4.06 5.62
CA PHE A 1790 -7.10 -5.24 5.06
C PHE A 1790 -6.06 -6.24 4.58
N ILE A 1791 -4.97 -5.76 3.98
CA ILE A 1791 -3.95 -6.67 3.46
C ILE A 1791 -3.23 -7.40 4.59
N ARG A 1792 -2.91 -6.68 5.66
CA ARG A 1792 -2.29 -7.32 6.81
C ARG A 1792 -3.24 -8.33 7.44
N TRP A 1793 -4.53 -7.99 7.53
CA TRP A 1793 -5.51 -8.94 8.05
C TRP A 1793 -5.60 -10.17 7.17
N LEU A 1794 -5.56 -9.98 5.85
CA LEU A 1794 -5.63 -11.10 4.92
C LEU A 1794 -4.42 -12.01 5.06
N GLU A 1795 -3.22 -11.43 5.18
CA GLU A 1795 -2.02 -12.25 5.38
C GLU A 1795 -2.07 -12.99 6.70
N GLU A 1796 -2.56 -12.34 7.76
CA GLU A 1796 -2.72 -13.03 9.03
C GLU A 1796 -3.71 -14.17 8.93
N TRP A 1797 -4.83 -13.96 8.22
CA TRP A 1797 -5.79 -15.03 8.01
C TRP A 1797 -5.15 -16.19 7.26
N THR A 1798 -4.36 -15.90 6.23
CA THR A 1798 -3.74 -16.96 5.46
C THR A 1798 -2.75 -17.74 6.31
N ASN A 1799 -1.94 -17.05 7.11
CA ASN A 1799 -0.98 -17.73 7.98
C ASN A 1799 -1.71 -18.61 9.01
N GLU A 1800 -2.74 -18.06 9.65
CA GLU A 1800 -3.47 -18.83 10.66
C GLU A 1800 -4.17 -20.03 10.04
N PHE A 1801 -4.80 -19.83 8.88
CA PHE A 1801 -5.50 -20.93 8.22
C PHE A 1801 -4.53 -22.02 7.78
N CYS A 1802 -3.36 -21.62 7.26
CA CYS A 1802 -2.38 -22.61 6.83
C CYS A 1802 -1.83 -23.40 8.02
N GLU A 1803 -1.54 -22.71 9.12
CA GLU A 1803 -1.07 -23.41 10.31
C GLU A 1803 -2.13 -24.37 10.85
N LYS A 1804 -3.39 -23.92 10.89
CA LYS A 1804 -4.45 -24.78 11.39
C LYS A 1804 -4.66 -25.97 10.47
N TYR A 1805 -4.58 -25.78 9.15
CA TYR A 1805 -4.71 -26.89 8.23
C TYR A 1805 -3.57 -27.88 8.39
N THR A 1806 -2.34 -27.38 8.55
CA THR A 1806 -1.20 -28.28 8.76
C THR A 1806 -1.36 -29.08 10.04
N LYS A 1807 -1.86 -28.45 11.11
CA LYS A 1807 -2.05 -29.16 12.36
C LYS A 1807 -3.18 -30.17 12.27
N TYR A 1808 -4.31 -29.79 11.64
CA TYR A 1808 -5.48 -30.65 11.60
C TYR A 1808 -5.28 -31.83 10.66
N PHE A 1809 -4.74 -31.58 9.46
CA PHE A 1809 -4.58 -32.65 8.49
C PHE A 1809 -3.59 -33.70 8.99
N GLU A 1810 -2.52 -33.27 9.64
CA GLU A 1810 -1.58 -34.22 10.22
C GLU A 1810 -2.23 -35.05 11.33
N ASP A 1811 -3.13 -34.43 12.12
CA ASP A 1811 -3.84 -35.17 13.15
C ASP A 1811 -4.75 -36.22 12.54
N MET A 1812 -5.44 -35.88 11.45
CA MET A 1812 -6.33 -36.86 10.80
C MET A 1812 -5.53 -38.00 10.19
N LYS A 1813 -4.35 -37.70 9.64
CA LYS A 1813 -3.55 -38.74 8.99
C LYS A 1813 -3.08 -39.81 9.96
N SER A 1814 -3.08 -39.52 11.26
CA SER A 1814 -2.68 -40.49 12.29
C SER A 1814 -3.88 -41.18 12.94
N ASN A 1815 -4.89 -40.41 13.34
CA ASN A 1815 -6.06 -41.01 13.98
C ASN A 1815 -6.84 -41.89 13.01
N CYS A 1816 -7.15 -41.35 11.83
CA CYS A 1816 -7.91 -42.08 10.82
C CYS A 1816 -6.96 -42.71 9.82
N ASN A 1817 -7.52 -43.24 8.73
CA ASN A 1817 -6.77 -43.96 7.70
C ASN A 1817 -6.01 -45.14 8.32
N LEU A 1818 -6.77 -46.07 8.87
CA LEU A 1818 -6.20 -47.26 9.49
C LEU A 1818 -5.63 -48.21 8.46
N SER A 1829 -12.94 -47.12 16.53
CA SER A 1829 -12.46 -45.97 15.77
C SER A 1829 -13.53 -44.90 15.66
N ASN A 1830 -14.62 -45.07 16.41
CA ASN A 1830 -15.76 -44.17 16.36
C ASN A 1830 -15.76 -43.17 17.51
N ILE A 1831 -14.71 -43.12 18.31
CA ILE A 1831 -14.63 -42.15 19.40
C ILE A 1831 -13.36 -41.33 19.26
N GLU A 1832 -12.46 -41.75 18.38
CA GLU A 1832 -11.21 -41.04 18.14
C GLU A 1832 -11.11 -40.44 16.74
N CYS A 1833 -11.48 -41.18 15.69
CA CYS A 1833 -11.47 -40.62 14.35
C CYS A 1833 -12.57 -39.59 14.17
N LYS A 1834 -13.70 -39.78 14.85
CA LYS A 1834 -14.78 -38.79 14.77
C LYS A 1834 -14.34 -37.45 15.34
N LYS A 1835 -13.46 -37.46 16.34
CA LYS A 1835 -12.97 -36.20 16.91
C LYS A 1835 -12.22 -35.39 15.87
N ALA A 1836 -11.27 -36.01 15.18
CA ALA A 1836 -10.53 -35.33 14.12
C ALA A 1836 -11.45 -34.92 12.97
N CYS A 1837 -12.38 -35.81 12.60
CA CYS A 1837 -13.31 -35.50 11.51
C CYS A 1837 -14.14 -34.26 11.84
N ALA A 1838 -14.74 -34.23 13.03
CA ALA A 1838 -15.56 -33.10 13.43
C ALA A 1838 -14.74 -31.83 13.57
N ASN A 1839 -13.52 -31.96 14.11
CA ASN A 1839 -12.66 -30.78 14.26
C ASN A 1839 -12.32 -30.19 12.90
N TYR A 1840 -12.01 -31.05 11.92
CA TYR A 1840 -11.63 -30.55 10.60
C TYR A 1840 -12.84 -29.98 9.85
N THR A 1841 -14.00 -30.62 9.97
CA THR A 1841 -15.16 -30.17 9.21
C THR A 1841 -15.76 -28.91 9.82
N ASN A 1842 -15.78 -28.81 11.16
CA ASN A 1842 -16.46 -27.70 11.82
C ASN A 1842 -15.81 -26.36 11.51
N TRP A 1843 -14.47 -26.32 11.49
CA TRP A 1843 -13.76 -25.06 11.27
C TRP A 1843 -13.58 -24.71 9.80
N LEU A 1844 -13.85 -25.65 8.89
CA LEU A 1844 -13.64 -25.37 7.47
C LEU A 1844 -14.70 -24.43 6.91
N ASN A 1845 -15.98 -24.66 7.27
CA ASN A 1845 -17.05 -23.84 6.72
C ASN A 1845 -16.93 -22.36 7.07
N PRO A 1846 -16.67 -21.97 8.34
CA PRO A 1846 -16.43 -20.55 8.60
C PRO A 1846 -15.26 -20.00 7.82
N LYS A 1847 -14.21 -20.81 7.64
CA LYS A 1847 -13.09 -20.37 6.81
C LYS A 1847 -13.50 -20.24 5.35
N ARG A 1848 -14.39 -21.12 4.87
CA ARG A 1848 -14.92 -20.97 3.51
C ARG A 1848 -15.64 -19.65 3.35
N ILE A 1849 -16.52 -19.32 4.31
CA ILE A 1849 -17.28 -18.07 4.22
C ILE A 1849 -16.34 -16.87 4.31
N GLU A 1850 -15.38 -16.91 5.23
CA GLU A 1850 -14.45 -15.80 5.38
C GLU A 1850 -13.60 -15.60 4.14
N TRP A 1851 -13.13 -16.70 3.53
CA TRP A 1851 -12.34 -16.59 2.32
C TRP A 1851 -13.18 -16.05 1.17
N ASN A 1852 -14.42 -16.50 1.03
CA ASN A 1852 -15.28 -15.97 -0.02
C ASN A 1852 -15.51 -14.47 0.16
N GLY A 1853 -15.80 -14.04 1.38
CA GLY A 1853 -16.00 -12.62 1.63
C GLY A 1853 -14.75 -11.80 1.38
N MET A 1854 -13.59 -12.30 1.82
CA MET A 1854 -12.35 -11.58 1.63
C MET A 1854 -11.98 -11.49 0.15
N SER A 1855 -12.18 -12.57 -0.61
CA SER A 1855 -11.92 -12.52 -2.04
C SER A 1855 -12.87 -11.56 -2.74
N ASN A 1856 -14.14 -11.56 -2.36
CA ASN A 1856 -15.09 -10.63 -2.96
C ASN A 1856 -14.71 -9.20 -2.67
N TYR A 1857 -14.26 -8.91 -1.45
CA TYR A 1857 -13.80 -7.56 -1.13
C TYR A 1857 -12.54 -7.21 -1.91
N TYR A 1858 -11.56 -8.12 -1.95
CA TYR A 1858 -10.29 -7.84 -2.61
C TYR A 1858 -10.48 -7.63 -4.11
N ASN A 1859 -11.52 -8.22 -4.69
CA ASN A 1859 -11.78 -8.00 -6.11
C ASN A 1859 -12.13 -6.57 -6.44
N LYS A 1860 -12.46 -5.74 -5.45
CA LYS A 1860 -12.78 -4.33 -5.64
C LYS A 1860 -11.88 -3.45 -4.78
N ILE A 1861 -10.62 -3.84 -4.61
CA ILE A 1861 -9.66 -3.07 -3.83
C ILE A 1861 -8.40 -2.77 -4.65
N TYR A 1862 -7.83 -3.80 -5.26
CA TYR A 1862 -6.53 -3.66 -5.90
C TYR A 1862 -6.59 -2.63 -7.04
N ARG A 1863 -5.49 -1.90 -7.19
CA ARG A 1863 -5.32 -0.86 -8.21
C ARG A 1863 -6.28 0.31 -8.00
N LYS A 1864 -6.69 0.54 -6.75
CA LYS A 1864 -7.53 1.67 -6.41
C LYS A 1864 -6.75 2.68 -5.58
N SER A 1865 -7.21 3.93 -5.61
CA SER A 1865 -6.58 5.05 -4.91
C SER A 1865 -7.44 5.49 -3.74
N ASN A 1866 -7.05 6.60 -3.12
CA ASN A 1866 -7.81 7.13 -1.98
C ASN A 1866 -9.22 7.53 -2.40
N LYS A 1867 -9.37 8.11 -3.58
CA LYS A 1867 -10.66 8.64 -4.01
C LYS A 1867 -11.56 7.55 -4.58
N GLU A 1868 -11.05 6.75 -5.50
CA GLU A 1868 -11.86 5.80 -6.25
C GLU A 1868 -12.18 4.52 -5.48
N SER A 1869 -11.55 4.28 -4.34
CA SER A 1869 -11.78 3.07 -3.57
C SER A 1869 -12.88 3.30 -2.53
N GLU A 1870 -13.04 2.35 -1.62
CA GLU A 1870 -14.00 2.45 -0.53
C GLU A 1870 -13.27 2.75 0.77
N ASP A 1871 -13.93 3.50 1.64
CA ASP A 1871 -13.43 3.93 2.95
C ASP A 1871 -12.20 4.83 2.83
N GLY A 1872 -11.85 5.26 1.63
CA GLY A 1872 -10.77 6.22 1.44
C GLY A 1872 -9.41 5.77 1.92
N LYS A 1873 -9.04 4.53 1.65
CA LYS A 1873 -7.72 4.01 2.00
C LYS A 1873 -6.84 3.96 0.76
N ASP A 1874 -5.53 3.95 0.99
CA ASP A 1874 -4.54 4.03 -0.09
C ASP A 1874 -4.71 2.89 -1.08
N TYR A 1875 -4.48 1.66 -0.64
CA TYR A 1875 -4.73 0.43 -1.39
C TYR A 1875 -4.04 0.38 -2.74
N SER A 1876 -3.13 1.32 -3.03
CA SER A 1876 -2.53 1.40 -4.36
C SER A 1876 -1.41 0.39 -4.57
N MET A 1877 -0.65 0.06 -3.54
CA MET A 1877 0.55 -0.76 -3.73
C MET A 1877 0.21 -2.18 -4.12
N ILE A 1878 -0.96 -2.68 -3.74
CA ILE A 1878 -1.37 -4.02 -4.13
C ILE A 1878 -1.90 -3.98 -5.56
N MET A 1879 -1.33 -4.82 -6.41
CA MET A 1879 -1.66 -4.79 -7.84
C MET A 1879 -1.88 -6.17 -8.46
N GLU A 1880 -1.78 -7.25 -7.69
CA GLU A 1880 -1.94 -8.57 -8.26
C GLU A 1880 -3.38 -8.78 -8.72
N PRO A 1881 -3.60 -9.59 -9.76
CA PRO A 1881 -4.95 -9.70 -10.33
C PRO A 1881 -5.98 -10.25 -9.35
N THR A 1882 -5.72 -11.40 -8.74
CA THR A 1882 -6.67 -12.02 -7.83
C THR A 1882 -5.99 -12.27 -6.48
N VAL A 1883 -6.82 -12.59 -5.49
CA VAL A 1883 -6.32 -12.77 -4.12
C VAL A 1883 -5.33 -13.93 -4.05
N ILE A 1884 -5.59 -15.00 -4.79
CA ILE A 1884 -4.65 -16.12 -4.82
C ILE A 1884 -3.33 -15.69 -5.45
N ASP A 1885 -3.39 -14.91 -6.53
CA ASP A 1885 -2.18 -14.42 -7.17
C ASP A 1885 -1.39 -13.48 -6.27
N TYR A 1886 -2.04 -12.82 -5.32
CA TYR A 1886 -1.31 -11.96 -4.40
C TYR A 1886 -0.70 -12.77 -3.26
N LEU A 1887 -1.49 -13.66 -2.66
CA LEU A 1887 -0.97 -14.51 -1.58
C LEU A 1887 0.12 -15.45 -2.07
N ASN A 1888 0.18 -15.72 -3.38
CA ASN A 1888 1.25 -16.53 -3.93
C ASN A 1888 2.60 -15.81 -3.86
N LYS A 1889 2.59 -14.49 -3.72
CA LYS A 1889 3.83 -13.72 -3.62
C LYS A 1889 3.94 -13.07 -2.25
N CYS A 1891 3.59 -15.78 0.28
CA CYS A 1891 3.52 -16.82 1.28
C CYS A 1891 4.66 -17.82 1.14
N ASN A 1892 5.18 -17.95 -0.09
CA ASN A 1892 6.25 -18.90 -0.34
C ASN A 1892 7.49 -18.52 0.46
N GLY A 1893 8.06 -19.50 1.15
CA GLY A 1893 9.20 -19.29 2.02
C GLY A 1893 8.79 -19.22 3.48
N GLU A 1894 9.75 -19.51 4.35
CA GLU A 1894 9.52 -19.51 5.78
C GLU A 1894 9.46 -18.09 6.32
N ILE A 1895 8.96 -17.96 7.55
CA ILE A 1895 8.85 -16.65 8.19
C ILE A 1895 10.25 -16.09 8.44
N ASN A 1896 10.42 -14.80 8.14
CA ASN A 1896 11.70 -14.12 8.35
C ASN A 1896 11.44 -12.63 8.49
N GLY A 1897 11.57 -12.13 9.71
CA GLY A 1897 11.52 -10.69 9.93
C GLY A 1897 10.18 -10.08 9.54
N ASN A 1898 10.23 -9.08 8.68
CA ASN A 1898 9.07 -8.29 8.29
C ASN A 1898 8.66 -8.52 6.84
N TYR A 1899 9.62 -8.59 5.92
CA TYR A 1899 9.32 -8.68 4.50
C TYR A 1899 8.46 -9.90 4.17
N ILE A 1900 8.50 -10.94 4.99
CA ILE A 1900 7.65 -12.11 4.84
C ILE A 1900 7.02 -12.44 6.18
N CYS A 1901 5.71 -12.67 6.17
CA CYS A 1901 4.97 -13.06 7.36
C CYS A 1901 4.20 -14.36 7.18
N CYS A 1902 3.67 -14.61 5.99
CA CYS A 1902 2.97 -15.85 5.68
C CYS A 1902 3.97 -16.90 5.21
N SER A 1903 3.82 -18.12 5.70
CA SER A 1903 4.69 -19.24 5.35
C SER A 1903 3.88 -20.46 5.00
N CYS A 1904 2.87 -20.28 4.15
CA CYS A 1904 2.00 -21.38 3.75
C CYS A 1904 2.71 -22.30 2.77
N LYS A 1905 2.58 -23.60 3.00
CA LYS A 1905 3.18 -24.60 2.13
C LYS A 1905 2.44 -25.92 2.31
N ASN A 1906 2.49 -26.75 1.27
CA ASN A 1906 1.89 -28.08 1.27
C ASN A 1906 0.39 -28.01 1.56
N ILE A 1907 -0.31 -27.35 0.65
CA ILE A 1907 -1.77 -27.23 0.73
C ILE A 1907 -2.40 -28.37 -0.05
N GLY A 1908 -2.10 -28.45 -1.34
CA GLY A 1908 -2.65 -29.51 -2.17
C GLY A 1908 -1.89 -30.81 -2.04
N GLU A 1909 -0.62 -30.80 -2.44
CA GLU A 1909 0.21 -32.00 -2.39
C GLU A 1909 1.67 -31.64 -2.14
N TYR A 1948 -7.39 -33.28 -1.26
CA TYR A 1948 -7.29 -34.60 -0.63
C TYR A 1948 -8.46 -35.50 -1.05
N SER A 1949 -8.17 -36.46 -1.92
CA SER A 1949 -9.20 -37.39 -2.39
C SER A 1949 -9.39 -38.51 -1.38
N GLU A 1950 -8.39 -38.71 -0.53
CA GLU A 1950 -8.44 -39.74 0.49
C GLU A 1950 -9.19 -39.23 1.72
N HIS A 1951 -9.48 -40.13 2.65
CA HIS A 1951 -10.20 -39.78 3.88
C HIS A 1951 -11.47 -38.95 3.66
N LYS A 1952 -12.28 -39.35 2.69
CA LYS A 1952 -13.52 -38.63 2.40
C LYS A 1952 -14.67 -39.54 2.78
N MET A 1953 -14.64 -40.76 2.24
CA MET A 1953 -15.66 -41.75 2.53
C MET A 1953 -15.78 -41.95 4.02
N LYS A 1954 -14.66 -42.29 4.66
CA LYS A 1954 -14.64 -42.53 6.09
C LYS A 1954 -15.04 -41.31 6.92
N CYS A 1955 -14.67 -40.13 6.46
CA CYS A 1955 -15.01 -38.91 7.19
C CYS A 1955 -16.50 -38.58 7.09
N THR A 1956 -17.11 -38.93 5.97
CA THR A 1956 -18.54 -38.65 5.79
C THR A 1956 -19.40 -39.70 6.50
N GLU A 1957 -19.01 -40.97 6.36
CA GLU A 1957 -19.76 -42.06 6.99
C GLU A 1957 -19.74 -41.92 8.52
N VAL A 1958 -18.62 -41.49 9.10
CA VAL A 1958 -18.61 -41.23 10.53
C VAL A 1958 -19.43 -39.98 10.85
N TYR A 1959 -19.44 -39.00 9.93
CA TYR A 1959 -20.25 -37.81 10.13
C TYR A 1959 -21.73 -38.16 10.22
N LEU A 1960 -22.21 -39.06 9.36
CA LEU A 1960 -23.58 -39.52 9.45
C LEU A 1960 -23.83 -40.26 10.76
N GLU A 1961 -22.86 -41.08 11.19
CA GLU A 1961 -22.98 -41.73 12.48
C GLU A 1961 -22.92 -40.72 13.63
N HIS A 1962 -22.13 -39.65 13.46
CA HIS A 1962 -22.10 -38.60 14.46
C HIS A 1962 -23.44 -37.88 14.55
N VAL A 1963 -24.11 -37.69 13.40
CA VAL A 1963 -25.41 -37.05 13.40
C VAL A 1963 -26.44 -37.92 14.12
N GLU A 1964 -26.42 -39.23 13.86
CA GLU A 1964 -27.42 -40.12 14.44
C GLU A 1964 -27.33 -40.16 15.96
N GLU A 1965 -26.11 -40.23 16.51
CA GLU A 1965 -25.96 -40.29 17.95
C GLU A 1965 -26.36 -38.98 18.61
N GLN A 1966 -26.07 -37.85 17.98
CA GLN A 1966 -26.49 -36.56 18.52
C GLN A 1966 -28.01 -36.43 18.52
N LEU A 1967 -28.67 -36.94 17.47
CA LEU A 1967 -30.13 -36.94 17.43
C LEU A 1967 -30.73 -37.98 18.37
N LYS A 1968 -29.99 -39.03 18.70
CA LYS A 1968 -30.45 -39.97 19.72
C LYS A 1968 -30.37 -39.36 21.11
N GLU A 1969 -29.55 -38.32 21.29
CA GLU A 1969 -29.42 -37.62 22.56
C GLU A 1969 -30.66 -36.80 22.89
N ILE A 1970 -31.58 -36.64 21.94
CA ILE A 1970 -32.87 -35.99 22.19
C ILE A 1970 -33.58 -36.61 23.38
N ASP A 1971 -33.33 -37.89 23.65
CA ASP A 1971 -34.00 -38.58 24.75
C ASP A 1971 -33.80 -37.87 26.08
N ASN A 1972 -32.68 -37.15 26.25
CA ASN A 1972 -32.41 -36.44 27.48
C ASN A 1972 -32.22 -34.95 27.23
N ALA A 1973 -32.46 -34.48 26.00
CA ALA A 1973 -32.29 -33.07 25.66
C ALA A 1973 -33.62 -32.31 25.63
N ILE A 1974 -34.54 -32.75 24.79
CA ILE A 1974 -35.83 -32.06 24.63
C ILE A 1974 -37.00 -32.93 25.05
N LYS A 1975 -36.84 -34.25 25.14
CA LYS A 1975 -37.94 -35.12 25.51
C LYS A 1975 -38.42 -34.85 26.93
N ASP A 1976 -37.49 -34.60 27.85
CA ASP A 1976 -37.81 -34.37 29.25
C ASP A 1976 -37.54 -32.91 29.60
N TYR A 1977 -38.60 -32.18 29.95
CA TYR A 1977 -38.47 -30.79 30.38
C TYR A 1977 -39.78 -30.32 31.02
#